data_3E38
#
_entry.id   3E38
#
_cell.length_a   95.680
_cell.length_b   117.820
_cell.length_c   79.560
_cell.angle_alpha   90.000
_cell.angle_beta   90.000
_cell.angle_gamma   90.000
#
_symmetry.space_group_name_H-M   'P 21 21 2'
#
loop_
_entity.id
_entity.type
_entity.pdbx_description
1 polymer 'two-domain protein containing predicted PHP-like metal-dependent phosphoesterase'
2 non-polymer 'ZINC ION'
3 non-polymer 'CACODYLATE ION'
4 non-polymer GLYCEROL
5 water water
#
_entity_poly.entity_id   1
_entity_poly.type   'polypeptide(L)'
_entity_poly.pdbx_seq_one_letter_code
;GAQRRNEIQVPDLDGYTTLKCDFH(MSE)HSVFSDGLVWPTVRVDEAYRDGLDAISLTEHIEYRPHKQDVVSDHNRSFDL
CREQAEKLGILLIKGSEITRA(MSE)APGHFNAIFLSDSNPLEQKDYKDAFREAKKQGAF(MSE)FWNHPGWDSQQPDTT
KWWPEHTALYQEGC(MSE)HGIEVANGHLY(MSE)PEAIQWCLDKNLT(MSE)IGTSDIHQPIQTDYDFEKGEHRT
(MSE)TFVFAKERSLQGIREALDNRRTAAYFHELLIGREDLLRPFFEKCVKIEEVSRNEQGVTLSITNVTDLVLKLKKTA
HDTLLVYFRD(MSE)TLKPHTRYTVRIGFKQGIKGGDVNFEVTNFIVAPDKGLKYTISL
;
_entity_poly.pdbx_strand_id   A,B
#
loop_
_chem_comp.id
_chem_comp.type
_chem_comp.name
_chem_comp.formula
CAC non-polymer 'CACODYLATE ION' 'C2 H6 As O2 -1'
GOL non-polymer GLYCEROL 'C3 H8 O3'
ZN non-polymer 'ZINC ION' 'Zn 2'
#
# COMPACT_ATOMS: atom_id res chain seq x y z
N ALA A 2 -8.42 -0.35 -13.56
CA ALA A 2 -7.68 -1.64 -13.59
C ALA A 2 -8.00 -2.43 -12.32
N GLN A 3 -8.90 -3.40 -12.44
CA GLN A 3 -9.41 -4.15 -11.26
C GLN A 3 -8.85 -5.57 -11.05
N ARG A 4 -8.17 -5.77 -9.91
CA ARG A 4 -7.66 -7.13 -9.52
C ARG A 4 -8.06 -7.58 -8.12
N ARG A 5 -8.69 -8.73 -8.11
CA ARG A 5 -9.21 -9.27 -6.89
C ARG A 5 -8.45 -10.46 -6.43
N ASN A 6 -8.12 -10.45 -5.15
CA ASN A 6 -7.42 -11.53 -4.52
C ASN A 6 -8.40 -12.23 -3.61
N GLU A 7 -8.95 -13.31 -4.13
CA GLU A 7 -9.93 -14.08 -3.39
C GLU A 7 -9.33 -14.66 -2.16
N ILE A 8 -10.11 -14.61 -1.08
CA ILE A 8 -9.75 -15.27 0.17
C ILE A 8 -10.30 -16.67 0.05
N GLN A 9 -9.40 -17.63 0.02
CA GLN A 9 -9.81 -19.04 -0.17
C GLN A 9 -10.00 -19.74 1.14
N VAL A 10 -11.22 -19.67 1.60
CA VAL A 10 -11.61 -20.35 2.82
C VAL A 10 -12.92 -21.09 2.48
N PRO A 11 -13.21 -22.16 3.23
CA PRO A 11 -14.39 -22.91 2.92
C PRO A 11 -15.71 -22.33 3.40
N ASP A 12 -16.74 -22.98 2.88
CA ASP A 12 -18.14 -22.79 3.22
C ASP A 12 -18.59 -23.94 4.09
N LEU A 13 -19.28 -23.60 5.17
CA LEU A 13 -19.91 -24.59 6.01
C LEU A 13 -21.13 -25.08 5.22
N ASP A 14 -21.56 -26.28 5.54
CA ASP A 14 -22.76 -26.81 4.92
C ASP A 14 -23.92 -25.88 5.23
N GLY A 15 -24.60 -25.49 4.17
CA GLY A 15 -25.81 -24.67 4.26
C GLY A 15 -25.60 -23.18 4.33
N TYR A 16 -24.35 -22.78 4.42
CA TYR A 16 -24.01 -21.36 4.49
C TYR A 16 -22.92 -20.95 3.55
N THR A 17 -22.91 -19.66 3.23
CA THR A 17 -21.84 -19.07 2.41
C THR A 17 -21.02 -18.17 3.30
N THR A 18 -19.71 -18.42 3.27
CA THR A 18 -18.74 -17.65 4.03
C THR A 18 -18.44 -16.36 3.30
N LEU A 19 -18.82 -15.29 3.99
CA LEU A 19 -18.65 -13.94 3.56
C LEU A 19 -17.56 -13.33 4.38
N LYS A 20 -16.72 -12.53 3.70
CA LYS A 20 -15.61 -11.83 4.41
C LYS A 20 -15.97 -10.35 4.51
N CYS A 21 -16.12 -9.90 5.75
CA CYS A 21 -16.58 -8.54 6.05
C CYS A 21 -15.71 -7.73 7.02
N ASP A 22 -15.73 -6.42 6.81
CA ASP A 22 -14.97 -5.47 7.64
C ASP A 22 -15.96 -4.38 7.97
N PHE A 23 -16.42 -4.42 9.22
CA PHE A 23 -17.47 -3.54 9.70
C PHE A 23 -17.03 -2.27 10.42
N HIS A 24 -15.77 -1.89 10.25
CA HIS A 24 -15.21 -0.73 10.98
C HIS A 24 -14.08 -0.11 10.21
N MSE A 25 -14.27 1.11 9.77
CA MSE A 25 -13.19 1.74 9.01
C MSE A 25 -13.48 3.21 8.82
O MSE A 25 -14.65 3.66 8.98
CB MSE A 25 -13.03 1.02 7.67
CG MSE A 25 -14.08 1.35 6.60
SE MSE A 25 -13.84 0.05 5.17
CE MSE A 25 -13.75 -1.49 6.36
N HIS A 26 -12.42 3.93 8.48
CA HIS A 26 -12.51 5.39 8.36
C HIS A 26 -11.92 6.00 7.12
N SER A 27 -12.41 7.20 6.82
CA SER A 27 -11.93 7.99 5.68
C SER A 27 -11.74 9.40 6.15
N VAL A 28 -11.48 10.28 5.18
CA VAL A 28 -11.24 11.68 5.43
C VAL A 28 -12.45 12.40 6.02
N PHE A 29 -13.59 11.74 5.97
CA PHE A 29 -14.90 12.29 6.38
C PHE A 29 -15.02 12.20 7.89
N SER A 30 -14.06 11.48 8.49
N SER A 30 -14.00 11.54 8.45
CA SER A 30 -13.83 11.50 9.96
CA SER A 30 -13.80 11.46 9.89
C SER A 30 -12.32 11.69 10.16
C SER A 30 -12.30 11.68 10.12
N ASP A 31 -11.65 10.72 10.77
CA ASP A 31 -10.21 10.82 11.01
C ASP A 31 -9.38 9.86 10.18
N GLY A 32 -9.97 9.27 9.17
CA GLY A 32 -9.23 8.46 8.23
C GLY A 32 -8.44 9.33 7.28
N LEU A 33 -7.68 8.69 6.40
CA LEU A 33 -6.70 9.39 5.59
C LEU A 33 -6.80 9.18 4.09
N VAL A 34 -7.89 8.52 3.72
CA VAL A 34 -8.20 8.25 2.30
C VAL A 34 -9.59 8.68 1.93
N TRP A 35 -9.71 8.98 0.65
CA TRP A 35 -11.02 9.30 0.08
C TRP A 35 -11.89 8.04 0.19
N PRO A 36 -13.18 8.21 0.44
CA PRO A 36 -13.99 7.01 0.69
C PRO A 36 -13.97 5.94 -0.40
N THR A 37 -13.85 6.35 -1.65
CA THR A 37 -13.92 5.38 -2.74
C THR A 37 -12.77 4.43 -2.63
N VAL A 38 -11.69 4.88 -2.00
CA VAL A 38 -10.51 4.03 -1.80
C VAL A 38 -10.87 2.79 -0.92
N ARG A 39 -11.73 2.94 0.09
CA ARG A 39 -12.08 1.79 0.94
C ARG A 39 -12.82 0.69 0.15
N VAL A 40 -13.48 1.10 -0.92
CA VAL A 40 -14.24 0.13 -1.72
C VAL A 40 -13.24 -0.61 -2.61
N ASP A 41 -12.34 0.15 -3.24
CA ASP A 41 -11.25 -0.41 -4.04
C ASP A 41 -10.44 -1.43 -3.24
N GLU A 42 -9.96 -1.01 -2.08
CA GLU A 42 -9.22 -1.90 -1.19
C GLU A 42 -9.99 -3.18 -0.85
N ALA A 43 -11.26 -3.04 -0.59
CA ALA A 43 -12.11 -4.20 -0.20
C ALA A 43 -12.20 -5.20 -1.33
N TYR A 44 -12.36 -4.66 -2.51
CA TYR A 44 -12.49 -5.49 -3.71
C TYR A 44 -11.20 -6.26 -3.94
N ARG A 45 -10.10 -5.54 -3.85
CA ARG A 45 -8.77 -6.08 -4.07
C ARG A 45 -8.44 -7.17 -3.05
N ASP A 46 -8.89 -7.00 -1.81
CA ASP A 46 -8.59 -7.94 -0.70
C ASP A 46 -9.53 -9.12 -0.67
N GLY A 47 -10.43 -9.22 -1.66
CA GLY A 47 -11.38 -10.35 -1.70
C GLY A 47 -12.51 -10.32 -0.66
N LEU A 48 -12.76 -9.13 -0.12
CA LEU A 48 -13.89 -8.90 0.80
C LEU A 48 -15.23 -8.86 0.07
N ASP A 49 -16.28 -9.11 0.84
CA ASP A 49 -17.64 -9.09 0.28
C ASP A 49 -18.45 -7.92 0.77
N ALA A 50 -18.16 -7.49 1.99
CA ALA A 50 -18.91 -6.36 2.57
C ALA A 50 -18.07 -5.50 3.50
N ILE A 51 -18.36 -4.20 3.44
CA ILE A 51 -17.73 -3.25 4.34
C ILE A 51 -18.74 -2.28 4.91
N SER A 52 -18.36 -1.67 6.02
CA SER A 52 -19.09 -0.54 6.55
C SER A 52 -18.09 0.55 6.85
N LEU A 53 -18.24 1.69 6.16
CA LEU A 53 -17.46 2.91 6.42
C LEU A 53 -18.13 3.60 7.59
N THR A 54 -17.49 3.48 8.73
CA THR A 54 -18.09 3.94 9.97
C THR A 54 -17.34 5.14 10.54
N GLU A 55 -17.63 6.30 9.95
CA GLU A 55 -16.99 7.53 10.36
C GLU A 55 -17.38 7.83 11.84
N HIS A 56 -16.49 8.47 12.58
CA HIS A 56 -16.88 8.94 13.91
C HIS A 56 -17.95 9.99 13.73
N ILE A 57 -18.93 9.96 14.63
CA ILE A 57 -19.93 11.02 14.63
C ILE A 57 -19.27 12.27 15.28
N GLU A 58 -18.70 12.05 16.49
CA GLU A 58 -18.20 13.13 17.33
C GLU A 58 -16.81 13.68 17.02
N TYR A 59 -16.04 12.95 16.25
CA TYR A 59 -14.66 13.31 15.95
C TYR A 59 -14.40 13.36 14.48
N ARG A 60 -14.46 14.58 13.97
CA ARG A 60 -14.19 14.89 12.57
C ARG A 60 -13.16 16.01 12.52
N PRO A 61 -11.87 15.67 12.63
CA PRO A 61 -10.84 16.67 12.71
C PRO A 61 -10.54 17.37 11.40
N HIS A 62 -11.15 16.91 10.32
CA HIS A 62 -10.91 17.59 9.04
C HIS A 62 -12.12 18.46 8.71
N LYS A 63 -13.08 18.57 9.61
CA LYS A 63 -14.33 19.23 9.19
C LYS A 63 -14.29 20.66 8.69
N GLN A 64 -13.16 21.32 8.86
CA GLN A 64 -13.09 22.71 8.43
C GLN A 64 -12.92 22.71 6.94
N ASP A 65 -12.35 21.62 6.46
CA ASP A 65 -12.08 21.39 5.03
C ASP A 65 -13.10 20.44 4.44
N VAL A 66 -13.46 19.40 5.20
CA VAL A 66 -14.40 18.33 4.75
C VAL A 66 -15.70 18.66 5.43
N VAL A 67 -16.47 19.43 4.70
N VAL A 67 -16.46 19.48 4.73
CA VAL A 67 -17.62 20.14 5.24
CA VAL A 67 -17.64 20.17 5.28
C VAL A 67 -18.96 19.41 5.30
C VAL A 67 -18.98 19.43 5.26
N SER A 68 -19.00 18.28 4.62
CA SER A 68 -20.23 17.49 4.49
C SER A 68 -20.77 16.86 5.76
N ASP A 69 -21.99 16.32 5.67
CA ASP A 69 -22.66 15.64 6.80
C ASP A 69 -22.20 14.20 7.05
N HIS A 70 -22.95 13.51 7.90
CA HIS A 70 -22.54 12.22 8.45
C HIS A 70 -22.86 11.07 7.50
N ASN A 71 -23.62 11.38 6.48
CA ASN A 71 -24.10 10.40 5.49
C ASN A 71 -23.29 10.44 4.22
N ARG A 72 -22.50 11.48 4.10
CA ARG A 72 -21.80 11.74 2.84
C ARG A 72 -20.76 10.66 2.39
N SER A 73 -19.92 10.14 3.28
CA SER A 73 -18.89 9.20 2.79
C SER A 73 -19.57 7.96 2.23
N PHE A 74 -20.64 7.54 2.90
CA PHE A 74 -21.41 6.36 2.48
C PHE A 74 -21.96 6.60 1.13
N ASP A 75 -22.49 7.79 0.98
CA ASP A 75 -23.16 8.23 -0.24
C ASP A 75 -22.23 8.15 -1.43
N LEU A 76 -21.00 8.57 -1.18
CA LEU A 76 -19.93 8.68 -2.19
C LEU A 76 -19.40 7.32 -2.64
N CYS A 77 -19.77 6.30 -1.90
CA CYS A 77 -19.26 4.93 -2.18
C CYS A 77 -20.24 3.97 -2.84
N ARG A 78 -21.48 4.40 -2.95
CA ARG A 78 -22.56 3.50 -3.40
C ARG A 78 -22.37 2.97 -4.80
N GLU A 79 -21.97 3.88 -5.66
CA GLU A 79 -21.83 3.55 -7.07
C GLU A 79 -20.70 2.57 -7.31
N GLN A 80 -19.58 2.91 -6.73
CA GLN A 80 -18.35 2.11 -6.81
C GLN A 80 -18.58 0.72 -6.23
N ALA A 81 -19.28 0.70 -5.09
CA ALA A 81 -19.48 -0.54 -4.37
C ALA A 81 -20.28 -1.43 -5.26
N GLU A 82 -21.26 -0.82 -5.86
CA GLU A 82 -22.10 -1.58 -6.72
C GLU A 82 -21.32 -2.07 -7.93
N LYS A 83 -20.52 -1.19 -8.53
CA LYS A 83 -19.80 -1.62 -9.75
C LYS A 83 -18.89 -2.85 -9.44
N LEU A 84 -18.42 -2.92 -8.24
CA LEU A 84 -17.43 -3.92 -7.83
C LEU A 84 -18.00 -5.06 -6.97
N GLY A 85 -19.30 -5.07 -6.76
CA GLY A 85 -19.93 -6.21 -6.10
C GLY A 85 -19.71 -6.20 -4.60
N ILE A 86 -19.41 -5.03 -4.06
CA ILE A 86 -19.14 -4.94 -2.65
C ILE A 86 -20.40 -4.44 -1.97
N LEU A 87 -20.79 -5.19 -0.98
CA LEU A 87 -21.95 -4.81 -0.18
C LEU A 87 -21.49 -3.69 0.76
N LEU A 88 -22.31 -2.66 0.79
CA LEU A 88 -22.06 -1.44 1.54
C LEU A 88 -23.10 -1.22 2.60
N ILE A 89 -22.69 -1.49 3.84
CA ILE A 89 -23.55 -1.37 5.05
C ILE A 89 -23.30 -0.01 5.69
N LYS A 90 -24.37 0.76 5.79
CA LYS A 90 -24.26 2.10 6.32
C LYS A 90 -24.07 2.02 7.83
N GLY A 91 -23.07 2.73 8.31
CA GLY A 91 -22.80 2.73 9.76
C GLY A 91 -22.08 3.98 10.18
N SER A 92 -21.89 4.06 11.48
CA SER A 92 -21.19 5.17 12.10
C SER A 92 -20.59 4.71 13.42
N GLU A 93 -19.53 5.40 13.84
CA GLU A 93 -18.95 5.17 15.14
C GLU A 93 -19.29 6.22 16.22
N ILE A 94 -20.04 5.80 17.24
CA ILE A 94 -20.41 6.61 18.41
C ILE A 94 -19.14 6.60 19.27
N THR A 95 -18.52 7.76 19.35
CA THR A 95 -17.18 7.97 19.92
C THR A 95 -17.23 8.80 21.17
N ARG A 96 -17.15 8.11 22.30
CA ARG A 96 -17.20 8.71 23.64
C ARG A 96 -16.08 8.24 24.56
N ALA A 97 -16.04 8.92 25.69
CA ALA A 97 -15.13 8.62 26.78
C ALA A 97 -15.54 7.32 27.37
N MSE A 98 -14.58 6.67 27.99
CA MSE A 98 -14.81 5.40 28.68
C MSE A 98 -15.28 5.70 30.09
O MSE A 98 -14.57 6.39 30.78
CB MSE A 98 -13.49 4.60 28.72
CG MSE A 98 -13.53 3.32 29.55
SE MSE A 98 -14.70 2.02 28.73
CE MSE A 98 -13.81 2.00 26.90
N ALA A 99 -16.43 5.18 30.57
CA ALA A 99 -17.35 4.30 29.83
C ALA A 99 -18.33 5.24 29.19
N PRO A 100 -19.02 4.80 28.14
CA PRO A 100 -19.04 3.45 27.57
C PRO A 100 -17.94 3.17 26.57
N GLY A 101 -17.23 4.21 26.20
CA GLY A 101 -16.20 4.07 25.20
C GLY A 101 -16.76 4.32 23.82
N HIS A 102 -16.36 3.49 22.87
CA HIS A 102 -16.76 3.60 21.46
C HIS A 102 -17.58 2.43 20.98
N PHE A 103 -18.68 2.72 20.30
CA PHE A 103 -19.55 1.67 19.71
C PHE A 103 -19.86 1.95 18.21
N ASN A 104 -19.81 0.88 17.43
CA ASN A 104 -20.30 0.97 16.05
C ASN A 104 -21.76 0.63 15.99
N ALA A 105 -22.46 1.41 15.18
CA ALA A 105 -23.91 1.23 14.87
C ALA A 105 -23.97 1.03 13.37
N ILE A 106 -24.38 -0.17 12.96
CA ILE A 106 -24.46 -0.50 11.53
C ILE A 106 -25.85 -0.98 11.14
N PHE A 107 -26.06 -0.94 9.85
CA PHE A 107 -27.39 -1.18 9.28
C PHE A 107 -28.27 0.01 9.72
N LEU A 108 -27.71 1.20 9.49
CA LEU A 108 -28.38 2.47 9.78
C LEU A 108 -29.09 2.91 8.53
N SER A 109 -30.12 3.73 8.71
CA SER A 109 -30.80 4.39 7.61
C SER A 109 -30.32 5.86 7.50
N ASP A 110 -29.93 6.44 8.64
CA ASP A 110 -29.44 7.84 8.67
C ASP A 110 -28.47 8.04 9.80
N SER A 111 -27.26 8.48 9.45
CA SER A 111 -26.18 8.73 10.44
C SER A 111 -26.35 10.07 11.18
N ASN A 112 -26.95 11.02 10.48
CA ASN A 112 -27.10 12.41 11.01
C ASN A 112 -27.72 12.50 12.40
N PRO A 113 -28.80 11.78 12.67
CA PRO A 113 -29.41 11.88 13.99
C PRO A 113 -28.65 11.34 15.18
N LEU A 114 -27.57 10.61 14.92
CA LEU A 114 -26.78 10.05 16.02
C LEU A 114 -25.91 11.11 16.70
N GLU A 115 -25.85 12.27 16.06
CA GLU A 115 -25.16 13.45 16.63
C GLU A 115 -26.06 14.02 17.70
N GLN A 116 -25.74 13.73 18.96
CA GLN A 116 -26.53 14.19 20.12
C GLN A 116 -25.58 14.54 21.27
N LYS A 117 -26.06 15.36 22.18
CA LYS A 117 -25.23 15.82 23.27
C LYS A 117 -25.02 14.68 24.27
N ASP A 118 -26.10 13.99 24.59
CA ASP A 118 -26.03 12.87 25.55
C ASP A 118 -25.83 11.59 24.77
N TYR A 119 -24.82 10.82 25.23
CA TYR A 119 -24.42 9.59 24.52
C TYR A 119 -25.57 8.64 24.42
N LYS A 120 -26.40 8.63 25.47
CA LYS A 120 -27.57 7.75 25.54
C LYS A 120 -28.61 8.10 24.49
N ASP A 121 -28.60 9.34 24.05
CA ASP A 121 -29.54 9.78 23.01
C ASP A 121 -28.97 9.38 21.67
N ALA A 122 -27.67 9.21 21.61
CA ALA A 122 -27.02 8.84 20.31
C ALA A 122 -27.40 7.41 20.03
N PHE A 123 -27.48 6.68 21.13
CA PHE A 123 -27.80 5.25 21.13
C PHE A 123 -29.29 5.01 20.89
N ARG A 124 -30.13 5.85 21.45
CA ARG A 124 -31.55 5.74 21.22
C ARG A 124 -31.90 5.99 19.77
N GLU A 125 -31.14 6.85 19.12
CA GLU A 125 -31.38 7.16 17.72
C GLU A 125 -31.02 5.99 16.83
N ALA A 126 -29.99 5.28 17.24
CA ALA A 126 -29.47 4.15 16.46
C ALA A 126 -30.44 3.01 16.66
N LYS A 127 -30.90 2.87 17.89
CA LYS A 127 -31.80 1.78 18.26
C LYS A 127 -33.13 1.96 17.56
N LYS A 128 -33.49 3.22 17.36
CA LYS A 128 -34.73 3.58 16.69
C LYS A 128 -34.62 3.19 15.22
N GLN A 129 -33.41 3.11 14.72
CA GLN A 129 -33.25 2.73 13.32
C GLN A 129 -33.04 1.25 13.24
N GLY A 130 -33.14 0.56 14.37
CA GLY A 130 -32.95 -0.89 14.41
C GLY A 130 -31.53 -1.37 14.09
N ALA A 131 -30.58 -0.51 14.42
CA ALA A 131 -29.17 -0.81 14.13
C ALA A 131 -28.60 -2.02 14.87
N PHE A 132 -27.59 -2.60 14.27
CA PHE A 132 -26.80 -3.65 14.90
C PHE A 132 -25.64 -2.89 15.52
N MSE A 133 -25.55 -3.06 16.83
CA MSE A 133 -24.61 -2.32 17.65
C MSE A 133 -23.63 -3.21 18.37
O MSE A 133 -23.98 -4.22 19.00
CB MSE A 133 -25.44 -1.50 18.66
CG MSE A 133 -26.25 -0.42 17.95
SE MSE A 133 -27.32 0.62 19.12
CE MSE A 133 -29.01 -0.39 19.11
N PHE A 134 -22.36 -2.83 18.22
CA PHE A 134 -21.29 -3.51 18.91
C PHE A 134 -20.26 -2.57 19.52
N TRP A 135 -19.71 -3.05 20.64
CA TRP A 135 -18.65 -2.38 21.40
C TRP A 135 -17.31 -2.55 20.76
N ASN A 136 -16.73 -1.41 20.42
CA ASN A 136 -15.43 -1.38 19.75
C ASN A 136 -14.25 -1.47 20.71
N HIS A 137 -13.17 -2.06 20.21
CA HIS A 137 -11.88 -2.10 20.89
C HIS A 137 -11.99 -1.92 22.41
N PRO A 138 -12.73 -2.79 23.08
CA PRO A 138 -12.88 -2.63 24.53
C PRO A 138 -11.55 -2.49 25.30
N GLY A 139 -10.52 -3.06 24.69
CA GLY A 139 -9.18 -3.21 25.28
C GLY A 139 -8.16 -2.17 24.90
N TRP A 140 -8.59 -1.28 24.02
CA TRP A 140 -7.75 -0.16 23.58
C TRP A 140 -7.14 0.51 24.82
N ASP A 141 -5.80 0.56 24.86
CA ASP A 141 -5.07 1.00 26.07
C ASP A 141 -5.19 2.49 26.30
N SER A 142 -5.62 3.22 25.28
CA SER A 142 -5.80 4.65 25.46
C SER A 142 -6.95 4.93 26.44
N GLN A 143 -7.93 4.05 26.49
CA GLN A 143 -9.11 4.20 27.38
C GLN A 143 -9.15 3.23 28.55
N GLN A 144 -8.51 2.06 28.39
CA GLN A 144 -8.32 1.14 29.54
C GLN A 144 -6.82 0.79 29.60
N PRO A 145 -6.04 1.58 30.32
CA PRO A 145 -4.62 1.29 30.15
C PRO A 145 -4.03 0.11 30.87
N ASP A 146 -4.73 -0.47 31.82
CA ASP A 146 -4.14 -1.58 32.56
C ASP A 146 -4.87 -2.92 32.44
N THR A 147 -6.18 -2.83 32.57
CA THR A 147 -7.10 -3.95 32.53
C THR A 147 -8.24 -3.65 31.58
N THR A 148 -8.69 -4.67 30.85
CA THR A 148 -9.89 -4.53 30.01
C THR A 148 -11.08 -4.96 30.86
N LYS A 149 -11.78 -3.95 31.34
CA LYS A 149 -12.90 -4.13 32.23
C LYS A 149 -14.22 -3.85 31.58
N TRP A 150 -15.21 -4.48 32.19
CA TRP A 150 -16.63 -4.34 31.82
C TRP A 150 -17.25 -3.40 32.85
N TRP A 151 -17.84 -2.31 32.37
CA TRP A 151 -18.38 -1.27 33.23
C TRP A 151 -19.90 -1.26 33.39
N PRO A 152 -20.38 -0.60 34.42
CA PRO A 152 -21.82 -0.57 34.59
C PRO A 152 -22.51 -0.02 33.36
N GLU A 153 -21.94 0.98 32.71
CA GLU A 153 -22.57 1.56 31.50
C GLU A 153 -22.74 0.48 30.44
N HIS A 154 -21.94 -0.54 30.53
CA HIS A 154 -21.93 -1.56 29.48
C HIS A 154 -23.07 -2.54 29.76
N THR A 155 -23.25 -2.83 31.05
CA THR A 155 -24.36 -3.66 31.48
C THR A 155 -25.67 -3.03 31.08
N ALA A 156 -25.72 -1.74 31.33
CA ALA A 156 -26.91 -0.97 31.01
C ALA A 156 -27.17 -0.96 29.51
N LEU A 157 -26.17 -0.64 28.68
CA LEU A 157 -26.39 -0.64 27.19
C LEU A 157 -26.83 -2.01 26.70
N TYR A 158 -26.25 -3.00 27.32
CA TYR A 158 -26.50 -4.38 26.94
C TYR A 158 -27.92 -4.76 27.32
N GLN A 159 -28.36 -4.28 28.46
CA GLN A 159 -29.71 -4.59 28.95
C GLN A 159 -30.72 -3.78 28.18
N GLU A 160 -30.29 -2.69 27.55
CA GLU A 160 -31.22 -1.81 26.80
C GLU A 160 -31.24 -2.19 25.35
N GLY A 161 -30.67 -3.34 25.05
CA GLY A 161 -30.67 -3.81 23.69
C GLY A 161 -29.78 -2.94 22.81
N CYS A 162 -28.66 -2.50 23.37
CA CYS A 162 -27.71 -1.61 22.64
C CYS A 162 -26.34 -2.17 22.42
N MSE A 163 -26.24 -3.46 22.69
CA MSE A 163 -24.99 -4.24 22.48
C MSE A 163 -25.29 -5.63 21.98
O MSE A 163 -25.70 -6.51 22.76
CB MSE A 163 -24.16 -4.32 23.78
CG MSE A 163 -22.76 -4.85 23.52
SE MSE A 163 -21.80 -5.34 25.11
CE MSE A 163 -21.56 -3.56 25.84
N HIS A 164 -25.03 -5.84 20.70
CA HIS A 164 -25.31 -7.10 20.04
C HIS A 164 -24.07 -7.91 19.74
N GLY A 165 -22.95 -7.21 19.88
CA GLY A 165 -21.63 -7.73 19.60
C GLY A 165 -20.55 -6.97 20.32
N ILE A 166 -19.39 -7.59 20.35
CA ILE A 166 -18.15 -6.97 20.85
C ILE A 166 -17.03 -7.26 19.84
N GLU A 167 -16.19 -6.26 19.58
CA GLU A 167 -14.97 -6.55 18.78
C GLU A 167 -14.01 -7.37 19.64
N VAL A 168 -13.63 -8.58 19.19
CA VAL A 168 -12.67 -9.43 19.93
C VAL A 168 -11.26 -9.14 19.40
N ALA A 169 -11.25 -8.57 18.20
CA ALA A 169 -10.06 -8.20 17.42
C ALA A 169 -10.29 -6.95 16.61
N ASN A 170 -9.37 -6.02 16.76
CA ASN A 170 -9.42 -4.77 16.06
C ASN A 170 -8.05 -4.43 15.55
N GLY A 171 -7.89 -4.39 14.25
CA GLY A 171 -6.57 -4.03 13.70
C GLY A 171 -5.55 -5.05 14.19
N HIS A 172 -4.51 -4.57 14.84
CA HIS A 172 -3.46 -5.45 15.37
C HIS A 172 -3.66 -5.76 16.85
N LEU A 173 -4.81 -5.40 17.36
CA LEU A 173 -5.15 -5.64 18.76
C LEU A 173 -6.13 -6.82 18.96
N TYR A 174 -5.66 -7.77 19.78
CA TYR A 174 -6.39 -8.96 20.15
C TYR A 174 -6.90 -8.83 21.58
N MSE A 175 -8.18 -9.03 21.79
CA MSE A 175 -8.75 -8.79 23.10
C MSE A 175 -9.58 -9.92 23.63
O MSE A 175 -10.80 -9.85 23.58
CB MSE A 175 -9.58 -7.52 22.99
CG MSE A 175 -8.70 -6.41 22.36
SE MSE A 175 -9.75 -4.87 21.78
CE MSE A 175 -10.76 -5.69 20.35
N PRO A 176 -8.91 -10.94 24.17
CA PRO A 176 -9.53 -12.18 24.69
C PRO A 176 -10.61 -11.98 25.75
N GLU A 177 -10.58 -10.84 26.41
CA GLU A 177 -11.50 -10.66 27.51
C GLU A 177 -12.89 -10.61 26.93
N ALA A 178 -12.94 -10.17 25.69
CA ALA A 178 -14.18 -9.93 24.98
C ALA A 178 -14.84 -11.26 24.54
N ILE A 179 -13.99 -12.26 24.37
CA ILE A 179 -14.42 -13.59 23.96
C ILE A 179 -15.27 -14.17 25.09
N GLN A 180 -14.75 -14.07 26.29
CA GLN A 180 -15.48 -14.64 27.40
C GLN A 180 -16.79 -13.89 27.56
N TRP A 181 -16.74 -12.58 27.33
CA TRP A 181 -17.95 -11.74 27.53
C TRP A 181 -19.07 -12.17 26.56
N CYS A 182 -18.69 -12.30 25.30
CA CYS A 182 -19.64 -12.74 24.30
C CYS A 182 -20.20 -14.11 24.64
N LEU A 183 -19.33 -14.98 25.08
CA LEU A 183 -19.74 -16.35 25.40
C LEU A 183 -20.71 -16.32 26.50
N ASP A 184 -20.50 -15.40 27.42
CA ASP A 184 -21.35 -15.35 28.64
C ASP A 184 -22.65 -14.61 28.37
N LYS A 185 -22.65 -13.77 27.35
CA LYS A 185 -23.79 -12.88 27.14
C LYS A 185 -24.54 -13.07 25.83
N ASN A 186 -24.05 -13.99 25.02
CA ASN A 186 -24.71 -14.41 23.82
C ASN A 186 -24.64 -13.37 22.76
N LEU A 187 -23.44 -12.92 22.52
CA LEU A 187 -23.14 -11.88 21.56
C LEU A 187 -22.28 -12.38 20.43
N THR A 188 -22.27 -11.56 19.42
CA THR A 188 -21.54 -11.79 18.20
C THR A 188 -20.12 -11.26 18.34
N MSE A 189 -19.16 -12.14 18.12
CA MSE A 189 -17.76 -11.79 18.15
C MSE A 189 -17.47 -11.21 16.77
O MSE A 189 -17.83 -11.78 15.77
CB MSE A 189 -16.93 -13.04 18.37
CG MSE A 189 -17.34 -13.84 19.63
SE MSE A 189 -16.05 -15.21 19.94
CE MSE A 189 -16.95 -16.16 21.48
N ILE A 190 -16.80 -10.09 16.78
CA ILE A 190 -16.50 -9.33 15.58
C ILE A 190 -15.02 -9.06 15.51
N GLY A 191 -14.53 -9.10 14.29
CA GLY A 191 -13.20 -8.70 13.98
C GLY A 191 -13.21 -7.64 12.88
N THR A 192 -12.56 -6.52 13.15
CA THR A 192 -12.45 -5.42 12.17
C THR A 192 -11.07 -4.86 12.15
N SER A 193 -10.82 -4.06 11.12
CA SER A 193 -9.55 -3.41 10.89
C SER A 193 -9.47 -2.05 11.55
N ASP A 194 -10.56 -1.30 11.55
CA ASP A 194 -10.56 0.09 12.06
C ASP A 194 -9.50 0.87 11.29
N ILE A 195 -9.36 0.56 10.02
CA ILE A 195 -8.35 1.23 9.17
C ILE A 195 -8.54 2.73 9.04
N HIS A 196 -7.49 3.48 9.33
CA HIS A 196 -7.47 4.95 9.12
C HIS A 196 -6.48 5.27 7.98
N GLN A 197 -5.34 4.58 7.94
CA GLN A 197 -4.32 4.77 6.91
C GLN A 197 -4.71 4.10 5.60
N PRO A 198 -3.96 4.34 4.51
CA PRO A 198 -4.24 3.42 3.39
C PRO A 198 -3.96 2.01 3.91
N ILE A 199 -4.69 1.01 3.40
CA ILE A 199 -4.66 -0.38 3.97
C ILE A 199 -3.27 -0.95 3.97
N GLN A 200 -2.54 -0.63 2.89
CA GLN A 200 -1.22 -1.20 2.68
C GLN A 200 -0.21 -0.70 3.69
N THR A 201 -0.50 0.44 4.27
CA THR A 201 0.38 1.06 5.24
C THR A 201 0.38 0.29 6.55
N ASP A 202 -0.70 -0.40 6.83
CA ASP A 202 -0.84 -1.08 8.16
C ASP A 202 -0.67 -2.59 8.13
N TYR A 203 -0.71 -3.10 6.92
CA TYR A 203 -0.57 -4.52 6.69
C TYR A 203 0.48 -4.78 5.67
N ASP A 204 1.38 -5.69 6.04
CA ASP A 204 2.46 -6.06 5.17
C ASP A 204 2.03 -7.30 4.44
N PHE A 205 1.46 -7.06 3.28
CA PHE A 205 0.92 -8.12 2.46
C PHE A 205 2.03 -8.95 1.87
N GLU A 206 3.23 -8.39 1.86
CA GLU A 206 4.40 -9.05 1.31
C GLU A 206 4.67 -10.23 2.19
N LYS A 207 4.29 -10.08 3.45
CA LYS A 207 4.54 -11.09 4.47
C LYS A 207 3.37 -12.03 4.76
N GLY A 208 2.37 -11.95 3.91
CA GLY A 208 1.19 -12.78 4.08
C GLY A 208 0.21 -12.24 5.11
N GLU A 209 0.40 -11.00 5.51
CA GLU A 209 -0.54 -10.38 6.45
C GLU A 209 -1.82 -10.04 5.69
N HIS A 210 -2.87 -9.97 6.49
CA HIS A 210 -4.25 -9.66 6.03
C HIS A 210 -4.98 -8.75 7.02
N ARG A 211 -5.92 -7.97 6.50
CA ARG A 211 -6.67 -7.09 7.39
C ARG A 211 -7.45 -7.93 8.40
N THR A 212 -7.54 -7.44 9.61
CA THR A 212 -8.35 -8.15 10.60
C THR A 212 -9.79 -8.01 10.05
N MSE A 213 -10.55 -9.11 10.14
CA MSE A 213 -11.89 -9.12 9.55
C MSE A 213 -12.78 -10.15 10.18
O MSE A 213 -12.38 -10.81 11.10
CB MSE A 213 -11.81 -9.44 8.08
CG MSE A 213 -11.28 -10.86 7.84
SE MSE A 213 -11.13 -11.24 5.89
CE MSE A 213 -9.55 -10.26 5.40
N THR A 214 -13.99 -10.26 9.65
CA THR A 214 -15.00 -11.20 10.17
C THR A 214 -15.48 -12.12 9.07
N PHE A 215 -15.49 -13.41 9.40
CA PHE A 215 -16.12 -14.42 8.58
C PHE A 215 -17.56 -14.49 9.07
N VAL A 216 -18.44 -14.29 8.12
CA VAL A 216 -19.90 -14.26 8.33
C VAL A 216 -20.53 -15.39 7.52
N PHE A 217 -21.16 -16.31 8.25
CA PHE A 217 -21.78 -17.50 7.65
C PHE A 217 -23.23 -17.24 7.44
N ALA A 218 -23.50 -16.90 6.18
CA ALA A 218 -24.82 -16.42 5.68
C ALA A 218 -25.60 -17.38 4.75
N LYS A 219 -26.90 -17.12 4.66
CA LYS A 219 -27.79 -17.88 3.75
C LYS A 219 -27.94 -17.16 2.42
N GLU A 220 -27.45 -15.93 2.36
CA GLU A 220 -27.34 -15.20 1.08
C GLU A 220 -26.36 -14.04 1.12
N ARG A 221 -25.79 -13.78 -0.06
CA ARG A 221 -24.81 -12.71 -0.25
C ARG A 221 -25.58 -11.43 -0.55
N SER A 222 -26.10 -10.91 0.55
CA SER A 222 -26.90 -9.72 0.57
C SER A 222 -26.82 -9.05 1.95
N LEU A 223 -27.19 -7.77 1.99
CA LEU A 223 -27.24 -6.99 3.22
C LEU A 223 -28.09 -7.67 4.29
N GLN A 224 -29.19 -8.24 3.83
CA GLN A 224 -30.15 -8.94 4.68
C GLN A 224 -29.53 -10.25 5.15
N GLY A 225 -28.86 -10.91 4.22
CA GLY A 225 -28.15 -12.13 4.60
C GLY A 225 -27.09 -11.94 5.65
N ILE A 226 -26.37 -10.83 5.51
CA ILE A 226 -25.31 -10.51 6.50
C ILE A 226 -25.93 -10.20 7.86
N ARG A 227 -27.01 -9.44 7.87
CA ARG A 227 -27.66 -9.03 9.11
C ARG A 227 -28.17 -10.21 9.90
N GLU A 228 -28.81 -11.15 9.21
CA GLU A 228 -29.38 -12.34 9.87
C GLU A 228 -28.28 -13.17 10.49
N ALA A 229 -27.12 -13.12 9.86
CA ALA A 229 -26.00 -13.90 10.36
C ALA A 229 -25.49 -13.26 11.64
N LEU A 230 -25.39 -11.94 11.61
CA LEU A 230 -24.89 -11.18 12.78
C LEU A 230 -25.84 -11.30 13.95
N ASP A 231 -27.14 -11.28 13.63
CA ASP A 231 -28.18 -11.35 14.65
C ASP A 231 -28.13 -12.67 15.39
N ASN A 232 -27.61 -13.68 14.71
CA ASN A 232 -27.64 -15.03 15.24
C ASN A 232 -26.25 -15.56 15.52
N ARG A 233 -25.29 -14.63 15.46
CA ARG A 233 -23.92 -14.88 15.93
C ARG A 233 -23.15 -15.87 15.09
N ARG A 234 -23.51 -15.92 13.82
CA ARG A 234 -22.86 -16.85 12.89
C ARG A 234 -21.65 -16.17 12.29
N THR A 235 -20.71 -16.04 13.19
CA THR A 235 -19.43 -15.36 12.92
C THR A 235 -18.21 -15.99 13.52
N ALA A 236 -17.10 -15.64 12.89
CA ALA A 236 -15.75 -15.91 13.40
C ALA A 236 -14.85 -14.70 13.09
N ALA A 237 -14.00 -14.29 14.05
CA ALA A 237 -13.03 -13.21 13.83
C ALA A 237 -11.69 -13.76 13.33
N TYR A 238 -11.24 -13.24 12.19
CA TYR A 238 -9.99 -13.64 11.55
C TYR A 238 -8.97 -12.54 11.78
N PHE A 239 -7.99 -12.86 12.62
CA PHE A 239 -6.98 -11.97 13.18
C PHE A 239 -5.62 -12.58 13.10
N HIS A 240 -4.75 -11.99 12.31
CA HIS A 240 -3.45 -12.57 12.10
C HIS A 240 -3.68 -14.03 11.75
N GLU A 241 -3.03 -14.91 12.49
CA GLU A 241 -3.10 -16.35 12.19
C GLU A 241 -4.24 -17.01 12.94
N LEU A 242 -4.92 -16.21 13.76
CA LEU A 242 -6.01 -16.75 14.57
C LEU A 242 -7.38 -16.61 13.93
N LEU A 243 -8.16 -17.66 14.14
CA LEU A 243 -9.58 -17.65 13.82
C LEU A 243 -10.27 -17.90 15.14
N ILE A 244 -11.12 -16.95 15.51
CA ILE A 244 -11.79 -16.90 16.80
C ILE A 244 -13.31 -16.98 16.63
N GLY A 245 -13.92 -17.93 17.32
CA GLY A 245 -15.37 -18.14 17.24
C GLY A 245 -15.83 -19.27 18.14
N ARG A 246 -17.15 -19.43 18.29
CA ARG A 246 -17.67 -20.47 19.21
C ARG A 246 -17.33 -21.80 18.63
N GLU A 247 -17.23 -22.77 19.51
CA GLU A 247 -16.81 -24.11 19.09
C GLU A 247 -17.75 -24.76 18.09
N ASP A 248 -19.05 -24.41 18.16
CA ASP A 248 -20.05 -25.06 17.29
C ASP A 248 -19.94 -24.59 15.84
N LEU A 249 -19.07 -23.62 15.64
CA LEU A 249 -18.79 -23.11 14.28
C LEU A 249 -17.39 -23.48 13.86
N LEU A 250 -16.48 -23.35 14.81
CA LEU A 250 -15.06 -23.61 14.54
C LEU A 250 -14.83 -25.10 14.25
N ARG A 251 -15.59 -25.97 14.90
N ARG A 251 -15.63 -25.94 14.90
CA ARG A 251 -15.37 -27.41 14.67
CA ARG A 251 -15.45 -27.39 14.72
C ARG A 251 -15.72 -27.85 13.23
C ARG A 251 -15.74 -27.84 13.27
N PRO A 252 -16.92 -27.50 12.74
CA PRO A 252 -17.23 -27.86 11.35
C PRO A 252 -16.38 -27.10 10.32
N PHE A 253 -15.91 -25.93 10.71
CA PHE A 253 -15.09 -25.09 9.85
C PHE A 253 -13.71 -25.74 9.64
N PHE A 254 -13.14 -26.20 10.73
CA PHE A 254 -11.85 -26.94 10.65
C PHE A 254 -11.96 -28.16 9.77
N GLU A 255 -13.09 -28.83 9.92
CA GLU A 255 -13.39 -30.08 9.20
C GLU A 255 -13.36 -29.85 7.71
N LYS A 256 -13.79 -28.65 7.33
CA LYS A 256 -13.84 -28.22 5.95
C LYS A 256 -12.48 -27.71 5.47
N CYS A 257 -11.60 -27.42 6.41
CA CYS A 257 -10.27 -26.86 6.05
C CYS A 257 -9.25 -27.92 5.68
N VAL A 258 -9.51 -29.12 6.15
CA VAL A 258 -8.58 -30.24 5.96
C VAL A 258 -9.22 -31.41 5.29
N LYS A 259 -8.51 -31.92 4.30
CA LYS A 259 -8.89 -33.13 3.59
C LYS A 259 -7.97 -34.27 4.05
N ILE A 260 -8.53 -35.11 4.91
CA ILE A 260 -7.84 -36.26 5.51
C ILE A 260 -8.19 -37.56 4.83
N GLU A 261 -7.15 -38.28 4.44
CA GLU A 261 -7.29 -39.57 3.78
C GLU A 261 -6.32 -40.59 4.36
N GLU A 262 -6.80 -41.81 4.45
CA GLU A 262 -5.99 -42.93 4.89
C GLU A 262 -5.35 -43.46 3.62
N VAL A 263 -4.02 -43.41 3.59
CA VAL A 263 -3.29 -43.83 2.41
C VAL A 263 -2.88 -45.28 2.50
N SER A 264 -2.73 -45.71 3.73
CA SER A 264 -2.19 -47.00 3.94
C SER A 264 -2.32 -47.40 5.40
N ARG A 265 -2.31 -48.70 5.59
CA ARG A 265 -2.41 -49.25 6.94
C ARG A 265 -1.73 -50.59 6.99
N ASN A 266 -1.02 -50.79 8.08
CA ASN A 266 -0.47 -52.12 8.40
C ASN A 266 -0.46 -52.30 9.89
N GLU A 267 0.27 -53.32 10.31
CA GLU A 267 0.28 -53.75 11.71
C GLU A 267 1.05 -52.77 12.54
N GLN A 268 1.87 -52.01 11.82
CA GLN A 268 2.81 -51.05 12.43
C GLN A 268 2.19 -49.66 12.56
N GLY A 269 1.03 -49.49 11.95
CA GLY A 269 0.29 -48.24 12.00
C GLY A 269 -0.39 -47.82 10.71
N VAL A 270 -0.74 -46.55 10.67
CA VAL A 270 -1.47 -45.96 9.55
C VAL A 270 -0.75 -44.75 9.01
N THR A 271 -0.84 -44.59 7.70
CA THR A 271 -0.33 -43.41 7.05
C THR A 271 -1.51 -42.62 6.50
N LEU A 272 -1.61 -41.37 6.94
CA LEU A 272 -2.70 -40.49 6.53
C LEU A 272 -2.18 -39.44 5.61
N SER A 273 -3.02 -38.90 4.76
CA SER A 273 -2.58 -37.69 4.07
C SER A 273 -3.56 -36.61 4.55
N ILE A 274 -3.00 -35.48 4.95
CA ILE A 274 -3.78 -34.37 5.42
C ILE A 274 -3.41 -33.18 4.60
N THR A 275 -4.38 -32.71 3.83
CA THR A 275 -4.26 -31.53 2.97
C THR A 275 -5.06 -30.33 3.56
N ASN A 276 -4.36 -29.20 3.61
CA ASN A 276 -4.91 -27.91 3.98
C ASN A 276 -5.30 -27.27 2.66
N VAL A 277 -6.61 -27.23 2.44
CA VAL A 277 -7.22 -26.72 1.22
C VAL A 277 -7.56 -25.25 1.35
N THR A 278 -6.94 -24.55 2.28
CA THR A 278 -7.25 -23.13 2.51
C THR A 278 -6.04 -22.21 2.52
N ASP A 279 -6.33 -20.93 2.69
CA ASP A 279 -5.34 -19.88 2.80
C ASP A 279 -4.87 -19.73 4.22
N LEU A 280 -5.52 -20.45 5.12
CA LEU A 280 -5.21 -20.34 6.55
C LEU A 280 -4.17 -21.34 6.97
N VAL A 281 -3.26 -20.89 7.81
CA VAL A 281 -2.25 -21.77 8.42
C VAL A 281 -3.00 -22.43 9.58
N LEU A 282 -2.71 -23.70 9.80
CA LEU A 282 -3.32 -24.46 10.92
C LEU A 282 -2.24 -25.05 11.82
N LYS A 283 -2.37 -24.78 13.11
CA LYS A 283 -1.35 -25.24 14.04
C LYS A 283 -1.92 -26.26 14.99
N LEU A 284 -1.32 -27.45 14.94
CA LEU A 284 -1.76 -28.62 15.72
C LEU A 284 -0.80 -28.96 16.82
N LYS A 285 -1.35 -29.36 17.95
N LYS A 285 -1.38 -29.38 17.94
CA LYS A 285 -0.53 -29.74 19.08
CA LYS A 285 -0.64 -29.72 19.14
C LYS A 285 -1.20 -30.92 19.76
C LYS A 285 -1.24 -30.95 19.75
N LYS A 286 -0.41 -31.98 19.90
CA LYS A 286 -0.86 -33.23 20.52
C LYS A 286 -1.33 -32.98 21.95
N THR A 287 -2.50 -33.52 22.25
CA THR A 287 -3.08 -33.46 23.55
C THR A 287 -3.11 -34.86 24.11
N ALA A 288 -3.82 -35.01 25.21
CA ALA A 288 -3.88 -36.32 25.88
C ALA A 288 -4.30 -37.44 24.97
N HIS A 289 -3.50 -38.50 24.99
CA HIS A 289 -3.71 -39.63 24.09
C HIS A 289 -3.20 -40.97 24.63
N ASP A 290 -3.51 -42.02 23.89
CA ASP A 290 -3.00 -43.36 24.20
C ASP A 290 -1.54 -43.33 23.78
N THR A 291 -0.69 -43.53 24.75
CA THR A 291 0.75 -43.38 24.50
C THR A 291 1.29 -44.45 23.54
N LEU A 292 0.47 -45.46 23.25
CA LEU A 292 0.84 -46.56 22.32
C LEU A 292 0.53 -46.14 20.90
N LEU A 293 -0.15 -45.00 20.82
CA LEU A 293 -0.51 -44.39 19.53
C LEU A 293 0.49 -43.30 19.34
N VAL A 294 1.44 -43.57 18.47
CA VAL A 294 2.59 -42.69 18.26
C VAL A 294 2.43 -41.73 17.10
N TYR A 295 2.32 -40.44 17.43
CA TYR A 295 2.24 -39.42 16.40
C TYR A 295 2.94 -38.12 16.80
N PHE A 296 2.89 -37.20 15.85
CA PHE A 296 3.53 -35.88 15.97
C PHE A 296 3.29 -35.26 17.32
N ARG A 297 4.17 -34.32 17.70
CA ARG A 297 3.97 -33.63 18.99
C ARG A 297 3.29 -32.32 18.70
N ASP A 298 3.76 -31.74 17.62
CA ASP A 298 3.34 -30.47 17.09
C ASP A 298 3.46 -30.53 15.60
N MSE A 299 2.60 -29.81 14.93
CA MSE A 299 2.61 -29.79 13.48
C MSE A 299 1.89 -28.56 12.93
O MSE A 299 0.85 -28.16 13.42
CB MSE A 299 1.89 -31.06 13.04
CG MSE A 299 1.87 -31.30 11.62
SE MSE A 299 0.91 -32.94 11.15
CE MSE A 299 1.29 -32.54 9.21
N THR A 300 2.49 -27.96 11.93
CA THR A 300 1.92 -26.79 11.28
C THR A 300 1.57 -27.10 9.84
N LEU A 301 0.30 -26.93 9.50
CA LEU A 301 -0.17 -27.17 8.14
C LEU A 301 -0.26 -25.85 7.38
N LYS A 302 0.69 -25.66 6.49
CA LYS A 302 0.71 -24.44 5.66
C LYS A 302 -0.40 -24.47 4.66
N PRO A 303 -0.83 -23.29 4.21
CA PRO A 303 -1.91 -23.23 3.23
C PRO A 303 -1.60 -23.98 1.97
N HIS A 304 -2.62 -24.67 1.48
CA HIS A 304 -2.58 -25.38 0.18
C HIS A 304 -1.45 -26.37 0.05
N THR A 305 -1.24 -27.10 1.14
CA THR A 305 -0.16 -28.06 1.26
C THR A 305 -0.67 -29.40 1.78
N ARG A 306 -0.14 -30.44 1.15
CA ARG A 306 -0.49 -31.81 1.47
C ARG A 306 0.62 -32.37 2.30
N TYR A 307 0.21 -32.91 3.44
CA TYR A 307 1.10 -33.58 4.39
C TYR A 307 0.84 -35.09 4.49
N THR A 308 1.93 -35.82 4.62
CA THR A 308 1.90 -37.26 4.85
C THR A 308 2.22 -37.45 6.30
N VAL A 309 1.30 -38.04 7.02
CA VAL A 309 1.42 -38.22 8.46
C VAL A 309 1.27 -39.66 8.84
N ARG A 310 2.24 -40.12 9.62
CA ARG A 310 2.27 -41.49 10.09
C ARG A 310 1.89 -41.61 11.55
N ILE A 311 1.06 -42.60 11.82
N ILE A 311 1.09 -42.62 11.84
CA ILE A 311 0.65 -42.93 13.18
CA ILE A 311 0.65 -42.90 13.19
C ILE A 311 1.12 -44.34 13.45
C ILE A 311 1.07 -44.33 13.50
N GLY A 312 2.01 -44.47 14.42
CA GLY A 312 2.50 -45.76 14.77
C GLY A 312 1.62 -46.43 15.81
N PHE A 313 1.61 -47.75 15.72
CA PHE A 313 0.89 -48.60 16.64
C PHE A 313 1.91 -49.35 17.46
N LYS A 314 1.95 -49.07 18.74
CA LYS A 314 2.89 -49.79 19.61
C LYS A 314 2.17 -50.91 20.32
N GLN A 315 2.99 -51.82 20.82
CA GLN A 315 2.53 -53.04 21.45
C GLN A 315 1.44 -53.61 20.53
N GLY A 316 0.32 -54.04 21.05
CA GLY A 316 -0.63 -54.64 20.13
C GLY A 316 -1.76 -53.79 19.59
N ILE A 317 -1.69 -52.48 19.78
CA ILE A 317 -2.84 -51.64 19.40
C ILE A 317 -3.16 -51.73 17.90
N LYS A 318 -4.45 -51.61 17.60
CA LYS A 318 -4.99 -51.76 16.25
C LYS A 318 -5.60 -50.48 15.71
N GLY A 319 -5.75 -49.54 16.61
CA GLY A 319 -6.29 -48.23 16.28
C GLY A 319 -6.32 -47.33 17.48
N GLY A 320 -7.10 -46.27 17.36
CA GLY A 320 -7.17 -45.30 18.45
C GLY A 320 -7.44 -43.90 18.02
N ASP A 321 -7.50 -43.06 19.03
CA ASP A 321 -7.83 -41.63 18.86
C ASP A 321 -6.58 -40.77 18.81
N VAL A 322 -6.39 -40.20 17.63
CA VAL A 322 -5.31 -39.24 17.35
C VAL A 322 -5.83 -37.87 17.79
N ASN A 323 -5.50 -37.52 19.03
CA ASN A 323 -6.04 -36.30 19.64
C ASN A 323 -5.08 -35.14 19.63
N PHE A 324 -5.59 -34.02 19.19
CA PHE A 324 -4.83 -32.76 19.11
C PHE A 324 -5.70 -31.52 19.21
N GLU A 325 -5.01 -30.40 19.39
CA GLU A 325 -5.64 -29.11 19.53
C GLU A 325 -5.26 -28.24 18.39
N VAL A 326 -6.25 -27.53 17.85
CA VAL A 326 -5.99 -26.60 16.76
C VAL A 326 -5.77 -25.30 17.48
N THR A 327 -4.51 -25.04 17.76
CA THR A 327 -4.15 -23.94 18.63
C THR A 327 -4.51 -22.58 18.10
N ASN A 328 -4.55 -22.35 16.78
CA ASN A 328 -4.89 -20.99 16.31
C ASN A 328 -6.43 -20.81 16.13
N PHE A 329 -7.18 -21.85 16.47
CA PHE A 329 -8.64 -21.81 16.38
C PHE A 329 -9.15 -21.65 17.79
N ILE A 330 -9.38 -20.39 18.18
N ILE A 330 -9.35 -20.40 18.18
CA ILE A 330 -9.75 -20.01 19.56
CA ILE A 330 -9.72 -20.02 19.57
C ILE A 330 -11.24 -20.06 19.79
C ILE A 330 -11.22 -20.05 19.80
N VAL A 331 -11.63 -20.97 20.66
CA VAL A 331 -13.02 -21.20 20.99
C VAL A 331 -13.39 -20.54 22.33
N ALA A 332 -12.34 -20.13 23.02
CA ALA A 332 -12.41 -19.46 24.33
C ALA A 332 -11.04 -18.91 24.65
N PRO A 333 -10.96 -17.98 25.61
CA PRO A 333 -9.68 -17.44 25.98
C PRO A 333 -8.67 -18.53 26.38
N ASP A 334 -7.55 -18.54 25.68
CA ASP A 334 -6.48 -19.50 25.90
C ASP A 334 -6.91 -20.94 25.68
N LYS A 335 -8.02 -21.14 24.97
CA LYS A 335 -8.45 -22.50 24.61
C LYS A 335 -8.59 -22.65 23.12
N GLY A 336 -7.90 -23.63 22.57
CA GLY A 336 -7.96 -23.97 21.11
C GLY A 336 -8.97 -25.10 20.88
N LEU A 337 -9.41 -25.26 19.64
CA LEU A 337 -10.33 -26.35 19.24
C LEU A 337 -9.69 -27.71 19.47
N LYS A 338 -10.41 -28.57 20.15
CA LYS A 338 -9.95 -29.92 20.39
C LYS A 338 -10.49 -30.78 19.27
N TYR A 339 -9.69 -31.72 18.80
CA TYR A 339 -10.12 -32.52 17.67
C TYR A 339 -9.53 -33.88 17.78
N THR A 340 -10.23 -34.84 17.21
CA THR A 340 -9.80 -36.23 17.14
C THR A 340 -9.92 -36.80 15.75
N ILE A 341 -8.93 -37.59 15.39
CA ILE A 341 -8.98 -38.39 14.18
C ILE A 341 -8.96 -39.79 14.75
N SER A 342 -10.09 -40.50 14.60
CA SER A 342 -10.22 -41.90 15.09
C SER A 342 -9.79 -42.89 14.03
N LEU A 343 -8.80 -43.67 14.41
CA LEU A 343 -8.19 -44.66 13.53
C LEU A 343 -8.52 -46.09 13.93
N GLY B 1 3.42 8.64 16.35
CA GLY B 1 3.93 8.13 15.05
C GLY B 1 4.77 6.85 15.16
N ALA B 2 4.92 6.22 13.99
CA ALA B 2 5.78 5.04 13.75
C ALA B 2 6.48 5.31 12.41
N GLN B 3 7.67 5.87 12.50
CA GLN B 3 8.40 6.29 11.31
C GLN B 3 9.54 5.37 10.85
N ARG B 4 9.38 4.82 9.64
CA ARG B 4 10.45 4.05 8.97
C ARG B 4 10.83 4.51 7.55
N ARG B 5 12.11 4.78 7.37
CA ARG B 5 12.68 5.26 6.09
C ARG B 5 13.59 4.28 5.40
N ASN B 6 13.32 4.12 4.13
CA ASN B 6 14.08 3.25 3.30
C ASN B 6 14.91 4.15 2.40
N GLU B 7 16.17 4.33 2.73
CA GLU B 7 17.02 5.20 1.94
C GLU B 7 17.22 4.66 0.55
N ILE B 8 17.36 5.58 -0.39
CA ILE B 8 17.68 5.25 -1.78
C ILE B 8 19.19 5.38 -1.93
N GLN B 9 19.86 4.23 -2.02
CA GLN B 9 21.32 4.15 -2.11
C GLN B 9 21.87 4.33 -3.50
N VAL B 10 22.20 5.58 -3.77
CA VAL B 10 22.82 5.99 -5.03
C VAL B 10 23.97 6.93 -4.67
N PRO B 11 24.91 7.11 -5.58
CA PRO B 11 26.00 7.99 -5.20
C PRO B 11 25.76 9.45 -5.49
N ASP B 12 26.78 10.20 -5.07
CA ASP B 12 26.86 11.63 -5.24
C ASP B 12 27.92 11.97 -6.22
N LEU B 13 27.62 12.89 -7.10
CA LEU B 13 28.62 13.40 -8.00
C LEU B 13 29.51 14.29 -7.14
N ASP B 14 30.75 14.39 -7.54
CA ASP B 14 31.72 15.33 -6.94
C ASP B 14 31.17 16.75 -6.92
N GLY B 15 31.21 17.36 -5.74
CA GLY B 15 30.71 18.72 -5.55
C GLY B 15 29.23 18.79 -5.24
N TYR B 16 28.51 17.72 -5.53
CA TYR B 16 27.06 17.74 -5.34
C TYR B 16 26.49 16.67 -4.43
N THR B 17 25.32 16.96 -3.88
CA THR B 17 24.60 15.97 -3.11
C THR B 17 23.37 15.53 -3.87
N THR B 18 23.24 14.21 -4.04
CA THR B 18 22.09 13.64 -4.80
C THR B 18 20.82 13.62 -3.96
N LEU B 19 19.88 14.40 -4.44
CA LEU B 19 18.55 14.48 -3.81
C LEU B 19 17.50 13.79 -4.67
N LYS B 20 16.60 13.12 -3.97
CA LYS B 20 15.53 12.35 -4.65
C LYS B 20 14.21 13.08 -4.51
N CYS B 21 13.71 13.55 -5.64
CA CYS B 21 12.53 14.42 -5.63
C CYS B 21 11.38 14.00 -6.53
N ASP B 22 10.16 14.32 -6.07
CA ASP B 22 8.89 14.09 -6.80
C ASP B 22 8.14 15.42 -6.88
N PHE B 23 8.16 15.98 -8.07
CA PHE B 23 7.66 17.35 -8.26
C PHE B 23 6.23 17.44 -8.78
N HIS B 24 5.51 16.35 -8.64
CA HIS B 24 4.17 16.26 -9.23
C HIS B 24 3.34 15.17 -8.58
N MSE B 25 2.35 15.62 -7.85
CA MSE B 25 1.47 14.70 -7.17
C MSE B 25 0.21 15.41 -6.72
O MSE B 25 0.16 16.65 -6.72
CB MSE B 25 2.19 14.09 -5.98
CG MSE B 25 2.49 15.06 -4.88
SE MSE B 25 3.67 14.28 -3.52
CE MSE B 25 5.14 13.91 -4.68
N HIS B 26 -0.73 14.60 -6.26
CA HIS B 26 -2.09 15.04 -5.90
C HIS B 26 -2.70 14.48 -4.65
N SER B 27 -3.57 15.29 -4.07
CA SER B 27 -4.32 14.94 -2.85
C SER B 27 -5.81 15.14 -3.13
N VAL B 28 -6.62 14.89 -2.12
CA VAL B 28 -8.06 15.04 -2.25
C VAL B 28 -8.51 16.51 -2.48
N PHE B 29 -7.52 17.42 -2.47
CA PHE B 29 -7.73 18.86 -2.61
C PHE B 29 -7.78 19.20 -4.10
N SER B 30 -7.48 18.18 -4.90
CA SER B 30 -7.79 18.18 -6.35
C SER B 30 -8.41 16.80 -6.62
N ASP B 31 -7.76 16.02 -7.46
CA ASP B 31 -8.28 14.69 -7.91
C ASP B 31 -7.52 13.52 -7.32
N GLY B 32 -6.62 13.83 -6.43
CA GLY B 32 -5.91 12.81 -5.66
C GLY B 32 -6.85 12.10 -4.70
N LEU B 33 -6.37 11.02 -4.10
CA LEU B 33 -7.26 10.17 -3.26
C LEU B 33 -6.85 10.00 -1.84
N VAL B 34 -5.85 10.76 -1.44
CA VAL B 34 -5.35 10.76 -0.05
C VAL B 34 -5.31 12.15 0.58
N TRP B 35 -5.39 12.15 1.89
CA TRP B 35 -5.21 13.38 2.67
C TRP B 35 -3.77 13.91 2.47
N PRO B 36 -3.57 15.25 2.44
CA PRO B 36 -2.22 15.69 1.99
C PRO B 36 -1.07 15.20 2.80
N THR B 37 -1.28 14.90 4.09
CA THR B 37 -0.16 14.51 4.95
C THR B 37 0.38 13.13 4.55
N VAL B 38 -0.46 12.37 3.89
CA VAL B 38 -0.02 11.06 3.44
C VAL B 38 1.10 11.22 2.44
N ARG B 39 1.06 12.27 1.64
CA ARG B 39 2.11 12.40 0.62
C ARG B 39 3.47 12.63 1.26
N VAL B 40 3.42 13.13 2.49
CA VAL B 40 4.60 13.48 3.25
C VAL B 40 5.11 12.20 3.87
N ASP B 41 4.19 11.41 4.40
CA ASP B 41 4.53 10.10 4.96
C ASP B 41 5.19 9.19 3.93
N GLU B 42 4.63 9.21 2.73
CA GLU B 42 5.10 8.35 1.65
C GLU B 42 6.50 8.73 1.20
N ALA B 43 6.74 10.02 1.09
CA ALA B 43 8.05 10.55 0.63
C ALA B 43 9.12 10.16 1.62
N TYR B 44 8.80 10.35 2.87
CA TYR B 44 9.71 9.97 3.94
C TYR B 44 10.07 8.50 3.80
N ARG B 45 9.03 7.70 3.83
CA ARG B 45 9.18 6.23 3.80
C ARG B 45 9.99 5.75 2.60
N ASP B 46 9.77 6.39 1.47
CA ASP B 46 10.44 6.03 0.21
C ASP B 46 11.84 6.62 0.07
N GLY B 47 12.34 7.33 1.06
CA GLY B 47 13.70 7.90 1.00
C GLY B 47 13.89 9.14 0.12
N LEU B 48 12.77 9.83 -0.06
CA LEU B 48 12.74 11.03 -0.85
C LEU B 48 13.22 12.11 0.03
N ASP B 49 13.65 13.20 -0.61
CA ASP B 49 14.15 14.39 0.07
C ASP B 49 13.23 15.60 -0.06
N ALA B 50 12.50 15.60 -1.16
CA ALA B 50 11.67 16.73 -1.51
C ALA B 50 10.49 16.35 -2.39
N ILE B 51 9.43 17.12 -2.21
CA ILE B 51 8.21 16.93 -2.95
C ILE B 51 7.51 18.22 -3.20
N SER B 52 6.63 18.19 -4.18
CA SER B 52 5.74 19.29 -4.44
C SER B 52 4.35 18.72 -4.66
N LEU B 53 3.42 19.05 -3.77
CA LEU B 53 2.01 18.67 -3.91
C LEU B 53 1.43 19.72 -4.87
N THR B 54 1.27 19.27 -6.12
CA THR B 54 0.88 20.13 -7.21
C THR B 54 -0.54 19.86 -7.66
N GLU B 55 -1.48 20.42 -6.90
CA GLU B 55 -2.91 20.26 -7.18
C GLU B 55 -3.28 20.96 -8.50
N HIS B 56 -4.29 20.40 -9.14
CA HIS B 56 -4.85 21.01 -10.33
C HIS B 56 -5.47 22.31 -9.85
N ILE B 57 -5.26 23.34 -10.66
CA ILE B 57 -5.86 24.63 -10.42
C ILE B 57 -7.29 24.53 -10.90
N GLU B 58 -7.46 24.03 -12.13
CA GLU B 58 -8.77 24.04 -12.81
C GLU B 58 -9.66 22.84 -12.51
N TYR B 59 -9.06 21.77 -12.03
CA TYR B 59 -9.82 20.55 -11.79
C TYR B 59 -9.78 20.07 -10.35
N ARG B 60 -10.93 20.25 -9.71
CA ARG B 60 -11.13 19.92 -8.28
C ARG B 60 -12.49 19.25 -8.09
N PRO B 61 -12.55 17.97 -8.40
CA PRO B 61 -13.85 17.35 -8.41
C PRO B 61 -14.44 17.09 -7.04
N HIS B 62 -13.71 17.38 -5.98
CA HIS B 62 -14.22 17.09 -4.64
C HIS B 62 -14.70 18.35 -3.98
N LYS B 63 -14.68 19.42 -4.77
CA LYS B 63 -14.94 20.79 -4.24
C LYS B 63 -16.26 20.99 -3.48
N GLN B 64 -17.30 20.22 -3.79
CA GLN B 64 -18.55 20.35 -3.01
C GLN B 64 -18.29 19.94 -1.56
N ASP B 65 -17.28 19.10 -1.39
CA ASP B 65 -17.00 18.48 -0.08
C ASP B 65 -15.79 19.00 0.65
N VAL B 66 -14.76 19.25 -0.15
CA VAL B 66 -13.47 19.69 0.35
C VAL B 66 -13.37 21.12 -0.11
N VAL B 67 -13.65 21.99 0.84
CA VAL B 67 -13.75 23.43 0.60
C VAL B 67 -12.54 24.25 1.09
N SER B 68 -11.80 24.73 0.09
CA SER B 68 -10.59 25.50 0.32
C SER B 68 -10.13 26.23 -0.90
N ASP B 69 -9.06 26.99 -0.70
CA ASP B 69 -8.42 27.65 -1.83
C ASP B 69 -7.27 26.78 -2.32
N HIS B 70 -6.47 27.39 -3.17
CA HIS B 70 -5.42 26.64 -3.85
C HIS B 70 -4.14 26.47 -3.08
N ASN B 71 -4.05 27.10 -1.92
CA ASN B 71 -2.81 27.01 -1.14
C ASN B 71 -2.99 26.02 0.00
N ARG B 72 -4.22 25.59 0.20
CA ARG B 72 -4.53 24.78 1.39
C ARG B 72 -3.80 23.39 1.53
N SER B 73 -3.63 22.60 0.48
CA SER B 73 -3.00 21.28 0.71
C SER B 73 -1.53 21.48 1.13
N PHE B 74 -0.90 22.51 0.59
CA PHE B 74 0.47 22.86 0.97
C PHE B 74 0.50 23.24 2.44
N ASP B 75 -0.45 24.04 2.84
CA ASP B 75 -0.50 24.51 4.21
C ASP B 75 -0.56 23.33 5.16
N LEU B 76 -1.34 22.34 4.78
CA LEU B 76 -1.57 21.16 5.66
C LEU B 76 -0.37 20.22 5.80
N CYS B 77 0.54 20.32 4.86
CA CYS B 77 1.70 19.43 4.83
C CYS B 77 2.91 19.95 5.56
N ARG B 78 2.89 21.24 5.85
CA ARG B 78 4.06 21.94 6.37
C ARG B 78 4.66 21.39 7.68
N GLU B 79 3.83 21.12 8.64
CA GLU B 79 4.33 20.67 9.93
C GLU B 79 4.92 19.30 9.82
N GLN B 80 4.24 18.47 9.06
CA GLN B 80 4.67 17.09 8.90
C GLN B 80 5.98 17.06 8.16
N ALA B 81 6.07 17.90 7.12
CA ALA B 81 7.22 17.89 6.27
C ALA B 81 8.44 18.31 7.09
N GLU B 82 8.19 19.21 8.01
CA GLU B 82 9.27 19.74 8.86
C GLU B 82 9.70 18.64 9.80
N LYS B 83 8.74 18.02 10.44
CA LYS B 83 9.05 16.98 11.43
C LYS B 83 9.83 15.87 10.75
N LEU B 84 9.55 15.57 9.49
CA LEU B 84 10.12 14.39 8.84
C LEU B 84 11.26 14.72 7.93
N GLY B 85 11.63 15.98 8.00
CA GLY B 85 12.77 16.46 7.24
C GLY B 85 12.63 16.43 5.75
N ILE B 86 11.39 16.46 5.28
CA ILE B 86 11.09 16.54 3.83
C ILE B 86 10.92 18.00 3.44
N LEU B 87 11.60 18.36 2.34
CA LEU B 87 11.55 19.70 1.74
C LEU B 87 10.28 19.80 0.92
N LEU B 88 9.52 20.87 1.17
CA LEU B 88 8.22 21.08 0.55
C LEU B 88 8.19 22.31 -0.35
N ILE B 89 8.14 22.02 -1.64
CA ILE B 89 8.10 23.02 -2.70
C ILE B 89 6.62 23.22 -3.05
N LYS B 90 6.18 24.44 -2.85
CA LYS B 90 4.84 24.87 -3.20
C LYS B 90 4.69 24.84 -4.74
N GLY B 91 3.60 24.24 -5.19
CA GLY B 91 3.37 24.17 -6.62
C GLY B 91 1.94 23.83 -6.91
N SER B 92 1.70 23.88 -8.21
CA SER B 92 0.40 23.65 -8.81
C SER B 92 0.49 23.23 -10.25
N GLU B 93 -0.61 22.62 -10.64
CA GLU B 93 -0.82 22.11 -11.99
C GLU B 93 -1.86 22.87 -12.79
N ILE B 94 -1.34 23.59 -13.79
CA ILE B 94 -2.14 24.39 -14.73
C ILE B 94 -2.56 23.36 -15.75
N THR B 95 -3.84 23.05 -15.67
CA THR B 95 -4.50 21.99 -16.36
C THR B 95 -5.36 22.57 -17.43
N ARG B 96 -4.91 22.44 -18.66
CA ARG B 96 -5.67 22.89 -19.81
C ARG B 96 -5.70 21.87 -20.94
N ALA B 97 -6.53 22.15 -21.91
CA ALA B 97 -6.64 21.35 -23.14
C ALA B 97 -5.32 21.42 -23.89
N MSE B 98 -5.08 20.40 -24.72
CA MSE B 98 -3.90 20.40 -25.60
C MSE B 98 -4.27 21.17 -26.86
O MSE B 98 -5.31 20.85 -27.43
CB MSE B 98 -3.53 18.97 -26.03
CG MSE B 98 -2.40 18.90 -27.05
SE MSE B 98 -0.65 19.40 -26.27
CE MSE B 98 -0.75 18.26 -24.64
N ALA B 99 -3.50 22.16 -27.32
CA ALA B 99 -2.28 22.65 -26.66
C ALA B 99 -2.71 23.79 -25.73
N PRO B 100 -1.86 24.18 -24.77
CA PRO B 100 -0.52 23.71 -24.47
C PRO B 100 -0.53 22.45 -23.58
N GLY B 101 -1.72 22.12 -23.12
CA GLY B 101 -1.86 20.95 -22.30
C GLY B 101 -1.72 21.26 -20.85
N HIS B 102 -0.99 20.40 -20.14
CA HIS B 102 -0.78 20.57 -18.68
C HIS B 102 0.65 20.89 -18.35
N PHE B 103 0.84 21.90 -17.52
CA PHE B 103 2.16 22.31 -16.98
C PHE B 103 2.12 22.43 -15.47
N ASN B 104 3.26 22.16 -14.85
CA ASN B 104 3.45 22.43 -13.44
C ASN B 104 4.31 23.65 -13.25
N ALA B 105 3.85 24.47 -12.31
CA ALA B 105 4.50 25.69 -11.84
C ALA B 105 4.93 25.36 -10.43
N ILE B 106 6.25 25.27 -10.21
CA ILE B 106 6.75 25.01 -8.86
C ILE B 106 7.63 26.19 -8.41
N PHE B 107 7.81 26.20 -7.11
CA PHE B 107 8.52 27.30 -6.42
C PHE B 107 7.63 28.54 -6.42
N LEU B 108 6.35 28.28 -6.41
CA LEU B 108 5.36 29.34 -6.24
C LEU B 108 5.39 29.88 -4.85
N SER B 109 4.88 31.12 -4.73
CA SER B 109 4.69 31.77 -3.43
C SER B 109 3.20 31.77 -3.08
N ASP B 110 2.39 31.75 -4.12
CA ASP B 110 0.93 31.75 -3.97
C ASP B 110 0.25 31.10 -5.19
N SER B 111 -0.52 30.06 -4.90
CA SER B 111 -1.19 29.25 -5.95
C SER B 111 -2.42 29.91 -6.55
N ASN B 112 -3.10 30.66 -5.69
CA ASN B 112 -4.38 31.31 -6.04
C ASN B 112 -4.40 32.13 -7.31
N PRO B 113 -3.39 32.94 -7.52
CA PRO B 113 -3.40 33.78 -8.71
C PRO B 113 -3.34 33.00 -10.01
N LEU B 114 -3.00 31.72 -9.93
CA LEU B 114 -2.90 30.88 -11.15
C LEU B 114 -4.30 30.54 -11.76
N GLU B 115 -5.32 30.81 -10.98
CA GLU B 115 -6.68 30.59 -11.44
C GLU B 115 -7.07 31.79 -12.28
N GLN B 116 -7.02 31.64 -13.59
CA GLN B 116 -7.37 32.72 -14.53
C GLN B 116 -8.17 32.17 -15.66
N LYS B 117 -8.94 33.02 -16.31
CA LYS B 117 -9.78 32.54 -17.40
C LYS B 117 -8.91 32.04 -18.53
N ASP B 118 -8.06 32.91 -19.03
CA ASP B 118 -7.15 32.63 -20.18
C ASP B 118 -5.93 31.85 -19.71
N TYR B 119 -5.50 30.81 -20.43
CA TYR B 119 -4.37 30.05 -19.89
C TYR B 119 -3.16 30.98 -19.79
N LYS B 120 -3.08 31.89 -20.75
CA LYS B 120 -1.92 32.80 -20.86
C LYS B 120 -1.72 33.64 -19.60
N ASP B 121 -2.81 33.97 -18.96
CA ASP B 121 -2.79 34.78 -17.72
C ASP B 121 -2.40 33.89 -16.57
N ALA B 122 -2.67 32.61 -16.76
CA ALA B 122 -2.33 31.60 -15.76
C ALA B 122 -0.80 31.50 -15.69
N PHE B 123 -0.20 31.43 -16.86
CA PHE B 123 1.25 31.29 -16.97
C PHE B 123 1.93 32.59 -16.57
N ARG B 124 1.26 33.72 -16.85
CA ARG B 124 1.85 35.06 -16.54
C ARG B 124 1.97 35.29 -15.05
N GLU B 125 1.04 34.75 -14.26
CA GLU B 125 1.10 34.87 -12.80
C GLU B 125 2.20 34.00 -12.20
N ALA B 126 2.32 32.77 -12.73
CA ALA B 126 3.33 31.84 -12.26
C ALA B 126 4.68 32.45 -12.59
N LYS B 127 4.80 32.99 -13.79
CA LYS B 127 6.04 33.61 -14.24
C LYS B 127 6.43 34.76 -13.34
N LYS B 128 5.41 35.52 -13.03
CA LYS B 128 5.54 36.71 -12.21
C LYS B 128 6.12 36.33 -10.88
N GLN B 129 5.82 35.12 -10.45
CA GLN B 129 6.32 34.65 -9.15
C GLN B 129 7.69 34.03 -9.36
N GLY B 130 8.17 34.09 -10.59
CA GLY B 130 9.46 33.48 -10.93
C GLY B 130 9.50 31.95 -10.77
N ALA B 131 8.33 31.33 -10.87
CA ALA B 131 8.18 29.86 -10.79
C ALA B 131 9.05 29.07 -11.75
N PHE B 132 9.44 27.87 -11.32
CA PHE B 132 10.12 26.92 -12.23
C PHE B 132 8.99 26.13 -12.87
N MSE B 133 8.95 26.20 -14.19
CA MSE B 133 7.83 25.64 -14.97
C MSE B 133 8.21 24.54 -15.91
O MSE B 133 9.15 24.66 -16.70
CB MSE B 133 7.16 26.77 -15.78
CG MSE B 133 6.30 27.69 -14.88
SE MSE B 133 5.86 29.39 -15.67
CE MSE B 133 7.57 30.30 -15.46
N PHE B 134 7.44 23.46 -15.85
CA PHE B 134 7.67 22.38 -16.79
C PHE B 134 6.42 21.76 -17.40
N TRP B 135 6.58 21.34 -18.65
CA TRP B 135 5.52 20.64 -19.39
C TRP B 135 5.32 19.20 -18.85
N ASN B 136 4.08 18.92 -18.44
CA ASN B 136 3.70 17.60 -17.95
C ASN B 136 3.22 16.64 -19.05
N HIS B 137 3.61 15.38 -18.87
CA HIS B 137 3.19 14.29 -19.74
C HIS B 137 2.88 14.71 -21.17
N PRO B 138 3.88 15.19 -21.89
CA PRO B 138 3.61 15.59 -23.26
C PRO B 138 2.95 14.47 -24.05
N GLY B 139 3.36 13.26 -23.71
CA GLY B 139 2.94 12.04 -24.42
C GLY B 139 1.64 11.40 -24.01
N TRP B 140 1.06 11.88 -22.93
CA TRP B 140 -0.22 11.30 -22.43
C TRP B 140 -1.15 11.18 -23.62
N ASP B 141 -1.60 9.95 -23.87
CA ASP B 141 -2.34 9.64 -25.11
C ASP B 141 -3.73 10.21 -25.13
N SER B 142 -4.16 10.66 -23.97
CA SER B 142 -5.51 11.22 -23.84
C SER B 142 -5.60 12.55 -24.59
N GLN B 143 -4.47 13.24 -24.65
CA GLN B 143 -4.39 14.54 -25.30
C GLN B 143 -3.61 14.48 -26.62
N GLN B 144 -2.76 13.47 -26.75
CA GLN B 144 -2.01 13.21 -27.99
C GLN B 144 -2.04 11.70 -28.24
N PRO B 145 -3.17 11.21 -28.77
CA PRO B 145 -3.31 9.77 -28.88
C PRO B 145 -2.50 9.07 -29.95
N ASP B 146 -1.94 9.76 -30.93
CA ASP B 146 -1.25 9.01 -31.98
C ASP B 146 0.21 9.33 -32.03
N THR B 147 0.54 10.56 -31.71
CA THR B 147 1.90 11.03 -31.75
C THR B 147 2.12 12.16 -30.77
N THR B 148 3.28 12.14 -30.11
CA THR B 148 3.68 13.18 -29.14
C THR B 148 4.34 14.33 -29.84
N LYS B 149 3.54 15.35 -30.14
CA LYS B 149 4.04 16.52 -30.86
C LYS B 149 4.30 17.74 -30.01
N TRP B 150 5.01 18.62 -30.68
CA TRP B 150 5.42 19.95 -30.21
C TRP B 150 4.57 20.94 -30.99
N TRP B 151 3.76 21.70 -30.27
CA TRP B 151 2.86 22.64 -30.92
C TRP B 151 3.42 24.06 -30.96
N PRO B 152 2.74 24.93 -31.71
CA PRO B 152 3.28 26.29 -31.81
C PRO B 152 3.17 27.05 -30.48
N GLU B 153 2.34 26.52 -29.59
CA GLU B 153 2.14 27.12 -28.26
C GLU B 153 3.25 26.76 -27.31
N HIS B 154 3.81 25.59 -27.53
CA HIS B 154 4.90 25.16 -26.69
C HIS B 154 6.09 26.04 -27.10
N THR B 155 6.12 26.39 -28.36
CA THR B 155 7.19 27.22 -28.85
C THR B 155 7.09 28.59 -28.24
N ALA B 156 5.85 29.06 -28.17
CA ALA B 156 5.58 30.38 -27.63
C ALA B 156 5.98 30.37 -26.17
N LEU B 157 5.35 29.48 -25.44
CA LEU B 157 5.59 29.34 -24.00
C LEU B 157 7.09 29.28 -23.72
N TYR B 158 7.80 28.55 -24.55
CA TYR B 158 9.25 28.34 -24.36
C TYR B 158 10.03 29.62 -24.60
N GLN B 159 9.52 30.45 -25.47
CA GLN B 159 10.25 31.68 -25.82
C GLN B 159 9.90 32.78 -24.83
N GLU B 160 8.79 32.61 -24.13
CA GLU B 160 8.32 33.60 -23.16
C GLU B 160 9.02 33.38 -21.84
N GLY B 161 9.71 32.26 -21.72
CA GLY B 161 10.37 31.93 -20.45
C GLY B 161 9.46 31.17 -19.52
N CYS B 162 8.49 30.48 -20.11
CA CYS B 162 7.50 29.72 -19.33
C CYS B 162 7.63 28.22 -19.39
N MSE B 163 8.76 27.77 -19.91
CA MSE B 163 9.10 26.34 -19.97
C MSE B 163 10.57 26.14 -19.60
O MSE B 163 11.46 26.51 -20.35
CB MSE B 163 8.85 25.75 -21.38
CG MSE B 163 8.88 24.22 -21.38
SE MSE B 163 8.89 23.32 -23.11
CE MSE B 163 7.27 24.07 -23.90
N HIS B 164 10.83 25.54 -18.46
CA HIS B 164 12.21 25.33 -18.02
C HIS B 164 12.61 23.84 -18.07
N GLY B 165 11.58 23.01 -18.18
CA GLY B 165 11.74 21.58 -18.27
C GLY B 165 10.56 20.90 -18.86
N ILE B 166 10.73 19.61 -19.04
CA ILE B 166 9.69 18.74 -19.55
C ILE B 166 9.80 17.42 -18.85
N GLU B 167 8.65 16.86 -18.50
CA GLU B 167 8.59 15.51 -17.95
C GLU B 167 8.95 14.53 -19.05
N VAL B 168 10.00 13.75 -18.79
CA VAL B 168 10.49 12.72 -19.76
C VAL B 168 9.94 11.38 -19.33
N ALA B 169 9.38 11.41 -18.13
CA ALA B 169 8.78 10.24 -17.53
C ALA B 169 7.79 10.63 -16.42
N ASN B 170 6.57 10.11 -16.55
CA ASN B 170 5.43 10.35 -15.64
C ASN B 170 4.78 9.02 -15.23
N GLY B 171 4.89 8.69 -13.98
CA GLY B 171 4.33 7.43 -13.48
C GLY B 171 4.91 6.31 -14.33
N HIS B 172 4.04 5.55 -14.97
CA HIS B 172 4.47 4.39 -15.78
C HIS B 172 4.59 4.78 -17.25
N LEU B 173 4.63 6.08 -17.51
CA LEU B 173 4.73 6.61 -18.91
C LEU B 173 6.08 7.22 -19.19
N TYR B 174 6.78 6.60 -20.13
CA TYR B 174 8.10 7.04 -20.67
C TYR B 174 7.87 7.75 -22.00
N MSE B 175 8.46 8.94 -22.16
CA MSE B 175 8.25 9.79 -23.35
C MSE B 175 9.54 10.30 -23.95
O MSE B 175 9.89 11.45 -23.74
CB MSE B 175 7.37 10.98 -22.94
CG MSE B 175 6.11 10.44 -22.28
SE MSE B 175 5.03 11.57 -21.16
CE MSE B 175 6.13 11.77 -19.56
N PRO B 176 10.19 9.46 -24.73
CA PRO B 176 11.50 9.77 -25.33
C PRO B 176 11.52 10.98 -26.20
N GLU B 177 10.37 11.31 -26.75
CA GLU B 177 10.33 12.45 -27.67
C GLU B 177 10.78 13.66 -26.88
N ALA B 178 10.52 13.61 -25.57
CA ALA B 178 10.80 14.75 -24.69
C ALA B 178 12.27 14.88 -24.44
N ILE B 179 12.95 13.73 -24.46
CA ILE B 179 14.39 13.70 -24.20
C ILE B 179 15.04 14.57 -25.27
N GLN B 180 14.66 14.33 -26.51
CA GLN B 180 15.28 15.03 -27.64
C GLN B 180 14.96 16.51 -27.57
N TRP B 181 13.80 16.81 -27.03
CA TRP B 181 13.33 18.20 -26.91
C TRP B 181 14.19 18.93 -25.92
N CYS B 182 14.39 18.29 -24.79
CA CYS B 182 15.23 18.89 -23.74
C CYS B 182 16.67 19.04 -24.21
N LEU B 183 17.11 18.11 -25.05
CA LEU B 183 18.47 18.14 -25.57
C LEU B 183 18.60 19.31 -26.55
N ASP B 184 17.62 19.46 -27.43
CA ASP B 184 17.67 20.52 -28.46
C ASP B 184 17.40 21.90 -27.90
N LYS B 185 16.54 21.96 -26.88
CA LYS B 185 16.08 23.25 -26.35
C LYS B 185 16.73 23.63 -25.01
N ASN B 186 17.66 22.79 -24.59
CA ASN B 186 18.43 23.00 -23.36
C ASN B 186 17.58 23.08 -22.09
N LEU B 187 16.69 22.11 -21.93
CA LEU B 187 15.78 22.10 -20.79
C LEU B 187 16.14 21.02 -19.81
N THR B 188 15.53 21.16 -18.64
CA THR B 188 15.70 20.23 -17.51
C THR B 188 14.81 19.02 -17.67
N MSE B 189 15.41 17.83 -17.71
CA MSE B 189 14.65 16.57 -17.80
C MSE B 189 14.14 16.23 -16.43
O MSE B 189 14.89 16.22 -15.46
CB MSE B 189 15.50 15.42 -18.34
CG MSE B 189 16.08 15.71 -19.70
SE MSE B 189 17.00 14.18 -20.31
CE MSE B 189 18.10 15.09 -21.71
N ILE B 190 12.83 16.03 -16.38
CA ILE B 190 12.08 15.76 -15.16
C ILE B 190 11.40 14.41 -15.12
N GLY B 191 11.31 13.85 -13.93
CA GLY B 191 10.57 12.62 -13.76
C GLY B 191 9.77 12.62 -12.48
N THR B 192 8.48 12.32 -12.62
CA THR B 192 7.57 12.39 -11.48
C THR B 192 6.57 11.25 -11.44
N SER B 193 5.88 11.17 -10.31
CA SER B 193 4.91 10.12 -10.09
C SER B 193 3.56 10.54 -10.64
N ASP B 194 3.17 11.78 -10.39
CA ASP B 194 1.84 12.22 -10.79
C ASP B 194 0.84 11.35 -10.02
N ILE B 195 1.25 10.98 -8.82
CA ILE B 195 0.43 10.09 -7.97
C ILE B 195 -0.91 10.67 -7.54
N HIS B 196 -1.97 9.87 -7.73
CA HIS B 196 -3.35 10.18 -7.27
C HIS B 196 -3.78 9.18 -6.21
N GLN B 197 -3.47 7.92 -6.46
CA GLN B 197 -3.82 6.84 -5.55
C GLN B 197 -2.86 6.80 -4.39
N PRO B 198 -3.14 5.97 -3.37
CA PRO B 198 -2.04 5.73 -2.43
C PRO B 198 -0.82 5.20 -3.22
N ILE B 199 0.39 5.52 -2.78
CA ILE B 199 1.59 5.17 -3.55
C ILE B 199 1.67 3.64 -3.75
N GLN B 200 1.31 2.88 -2.72
CA GLN B 200 1.46 1.44 -2.77
C GLN B 200 0.52 0.81 -3.79
N THR B 201 -0.53 1.53 -4.15
CA THR B 201 -1.56 1.05 -5.05
C THR B 201 -1.05 1.01 -6.50
N ASP B 202 -0.10 1.89 -6.80
CA ASP B 202 0.44 2.01 -8.18
C ASP B 202 1.85 1.50 -8.38
N TYR B 203 2.52 1.10 -7.32
CA TYR B 203 3.89 0.56 -7.45
C TYR B 203 3.95 -0.68 -6.62
N ASP B 204 4.41 -1.73 -7.27
CA ASP B 204 4.52 -3.03 -6.62
C ASP B 204 5.87 -3.06 -6.01
N PHE B 205 5.89 -2.60 -4.76
CA PHE B 205 7.12 -2.41 -4.03
C PHE B 205 7.66 -3.78 -3.73
N GLU B 206 6.74 -4.74 -3.68
CA GLU B 206 7.07 -6.16 -3.40
C GLU B 206 8.07 -6.63 -4.45
N LYS B 207 7.79 -6.26 -5.69
CA LYS B 207 8.61 -6.60 -6.86
C LYS B 207 9.76 -5.63 -7.06
N GLY B 208 10.00 -4.84 -6.02
CA GLY B 208 11.11 -3.85 -6.02
C GLY B 208 10.91 -2.63 -6.93
N GLU B 209 9.66 -2.39 -7.27
CA GLU B 209 9.32 -1.19 -8.06
C GLU B 209 9.47 0.06 -7.22
N HIS B 210 9.64 1.19 -7.90
CA HIS B 210 9.80 2.47 -7.21
C HIS B 210 9.10 3.56 -7.96
N ARG B 211 8.70 4.57 -7.21
CA ARG B 211 7.98 5.66 -7.81
C ARG B 211 8.89 6.35 -8.78
N THR B 212 8.35 6.74 -9.93
CA THR B 212 9.11 7.53 -10.91
C THR B 212 9.50 8.83 -10.24
N MSE B 213 10.74 9.21 -10.39
CA MSE B 213 11.20 10.39 -9.68
C MSE B 213 12.35 11.07 -10.36
O MSE B 213 12.74 10.69 -11.43
CB MSE B 213 11.67 9.98 -8.28
CG MSE B 213 12.92 9.08 -8.29
SE MSE B 213 13.44 8.50 -6.49
CE MSE B 213 11.92 7.31 -6.18
N THR B 214 12.86 12.11 -9.72
CA THR B 214 14.01 12.87 -10.28
C THR B 214 15.18 12.94 -9.33
N PHE B 215 16.32 12.56 -9.85
CA PHE B 215 17.57 12.75 -9.12
C PHE B 215 18.03 14.18 -9.41
N VAL B 216 18.19 14.94 -8.34
CA VAL B 216 18.66 16.34 -8.40
C VAL B 216 20.04 16.48 -7.74
N PHE B 217 21.00 16.96 -8.53
CA PHE B 217 22.39 17.13 -8.05
C PHE B 217 22.62 18.57 -7.60
N ALA B 218 22.39 18.73 -6.31
CA ALA B 218 22.36 20.00 -5.61
C ALA B 218 23.65 20.26 -4.84
N LYS B 219 23.96 21.54 -4.67
CA LYS B 219 25.17 21.96 -3.97
C LYS B 219 24.84 21.96 -2.50
N GLU B 220 23.55 21.91 -2.22
CA GLU B 220 23.07 21.82 -0.82
C GLU B 220 21.66 21.33 -0.76
N ARG B 221 21.33 20.73 0.38
CA ARG B 221 19.99 20.18 0.60
C ARG B 221 19.09 21.23 1.19
N SER B 222 18.61 22.07 0.29
CA SER B 222 17.69 23.17 0.65
C SER B 222 16.86 23.45 -0.54
N LEU B 223 15.86 24.29 -0.32
CA LEU B 223 14.94 24.73 -1.39
C LEU B 223 15.71 25.45 -2.49
N GLN B 224 16.69 26.23 -2.07
CA GLN B 224 17.48 27.04 -3.02
C GLN B 224 18.43 26.10 -3.77
N GLY B 225 18.92 25.10 -3.04
CA GLY B 225 19.83 24.13 -3.64
C GLY B 225 19.17 23.41 -4.80
N ILE B 226 17.95 23.00 -4.52
CA ILE B 226 17.17 22.28 -5.54
C ILE B 226 16.90 23.16 -6.75
N ARG B 227 16.50 24.37 -6.45
CA ARG B 227 16.12 25.32 -7.47
C ARG B 227 17.29 25.58 -8.39
N GLU B 228 18.48 25.72 -7.79
CA GLU B 228 19.72 26.03 -8.58
C GLU B 228 20.11 24.84 -9.49
N ALA B 229 19.89 23.65 -8.96
CA ALA B 229 20.11 22.42 -9.73
C ALA B 229 19.19 22.40 -10.94
N LEU B 230 17.92 22.67 -10.67
CA LEU B 230 16.90 22.63 -11.72
C LEU B 230 17.16 23.69 -12.75
N ASP B 231 17.67 24.82 -12.30
CA ASP B 231 17.87 25.95 -13.20
C ASP B 231 18.96 25.63 -14.17
N ASN B 232 19.82 24.75 -13.70
CA ASN B 232 21.04 24.39 -14.41
C ASN B 232 21.01 23.00 -15.00
N ARG B 233 19.81 22.46 -15.04
CA ARG B 233 19.48 21.12 -15.59
C ARG B 233 20.26 19.93 -15.02
N ARG B 234 20.63 20.07 -13.76
CA ARG B 234 21.43 19.10 -13.03
C ARG B 234 20.52 18.09 -12.35
N THR B 235 19.90 17.34 -13.26
CA THR B 235 18.91 16.28 -12.98
C THR B 235 19.09 15.06 -13.88
N ALA B 236 18.41 14.02 -13.45
CA ALA B 236 18.24 12.76 -14.20
C ALA B 236 16.95 12.15 -13.73
N ALA B 237 16.14 11.69 -14.69
CA ALA B 237 14.89 11.00 -14.37
C ALA B 237 15.13 9.47 -14.17
N TYR B 238 14.57 9.00 -13.07
CA TYR B 238 14.63 7.62 -12.65
C TYR B 238 13.26 7.01 -12.77
N PHE B 239 13.19 6.11 -13.73
CA PHE B 239 11.97 5.50 -14.20
C PHE B 239 12.13 4.02 -14.36
N HIS B 240 11.44 3.24 -13.51
CA HIS B 240 11.56 1.81 -13.63
C HIS B 240 13.04 1.54 -13.49
N GLU B 241 13.63 0.87 -14.48
CA GLU B 241 15.06 0.49 -14.47
C GLU B 241 15.90 1.48 -15.23
N LEU B 242 15.22 2.46 -15.81
CA LEU B 242 15.93 3.47 -16.60
C LEU B 242 16.34 4.71 -15.77
N LEU B 243 17.48 5.28 -16.17
CA LEU B 243 17.94 6.53 -15.60
C LEU B 243 18.21 7.35 -16.82
N ILE B 244 17.51 8.48 -16.90
CA ILE B 244 17.54 9.33 -18.07
C ILE B 244 18.16 10.68 -17.80
N GLY B 245 19.14 11.03 -18.62
CA GLY B 245 19.81 12.32 -18.48
C GLY B 245 20.94 12.61 -19.45
N ARG B 246 21.55 13.76 -19.31
CA ARG B 246 22.66 14.13 -20.17
C ARG B 246 23.90 13.31 -19.81
N GLU B 247 24.54 12.89 -20.87
CA GLU B 247 25.74 12.08 -20.79
C GLU B 247 26.80 12.64 -19.87
N ASP B 248 26.92 13.96 -19.89
CA ASP B 248 27.92 14.66 -19.08
C ASP B 248 27.63 14.52 -17.60
N LEU B 249 26.44 14.04 -17.32
CA LEU B 249 26.01 13.77 -15.96
C LEU B 249 25.97 12.27 -15.69
N LEU B 250 25.46 11.52 -16.66
CA LEU B 250 25.29 10.04 -16.50
C LEU B 250 26.64 9.34 -16.49
N ARG B 251 27.54 9.85 -17.30
CA ARG B 251 28.86 9.25 -17.39
C ARG B 251 29.53 9.25 -16.03
N PRO B 252 29.69 10.43 -15.41
CA PRO B 252 30.35 10.42 -14.11
C PRO B 252 29.57 9.71 -13.02
N PHE B 253 28.27 9.59 -13.24
CA PHE B 253 27.35 8.95 -12.23
C PHE B 253 27.58 7.46 -12.28
N PHE B 254 27.69 6.96 -13.48
CA PHE B 254 27.93 5.53 -13.68
C PHE B 254 29.22 5.14 -13.05
N GLU B 255 30.19 6.03 -13.20
CA GLU B 255 31.56 5.80 -12.66
C GLU B 255 31.52 5.65 -11.13
N LYS B 256 30.53 6.27 -10.53
CA LYS B 256 30.35 6.21 -9.07
C LYS B 256 29.51 5.01 -8.65
N CYS B 257 28.85 4.41 -9.64
CA CYS B 257 27.89 3.30 -9.38
C CYS B 257 28.57 1.95 -9.29
N VAL B 258 29.76 1.89 -9.87
CA VAL B 258 30.53 0.64 -9.91
C VAL B 258 31.91 0.86 -9.35
N LYS B 259 32.40 -0.18 -8.72
CA LYS B 259 33.76 -0.23 -8.22
C LYS B 259 34.45 -1.31 -8.98
N ILE B 260 35.28 -0.90 -9.92
CA ILE B 260 36.05 -1.80 -10.76
C ILE B 260 37.46 -1.94 -10.21
N GLU B 261 37.86 -3.18 -10.00
CA GLU B 261 39.23 -3.47 -9.56
C GLU B 261 39.83 -4.65 -10.31
N GLU B 262 41.10 -4.47 -10.69
CA GLU B 262 41.88 -5.52 -11.34
C GLU B 262 42.33 -6.49 -10.26
N VAL B 263 41.76 -7.68 -10.27
CA VAL B 263 42.07 -8.72 -9.29
C VAL B 263 43.33 -9.46 -9.67
N SER B 264 43.58 -9.45 -10.97
CA SER B 264 44.65 -10.23 -11.58
C SER B 264 44.91 -9.93 -13.05
N ARG B 265 46.02 -10.48 -13.50
CA ARG B 265 46.43 -10.33 -14.90
C ARG B 265 47.43 -11.41 -15.31
N ASN B 266 47.59 -11.52 -16.62
CA ASN B 266 48.63 -12.37 -17.22
C ASN B 266 48.64 -12.24 -18.72
N GLU B 267 49.28 -13.22 -19.34
CA GLU B 267 49.49 -13.23 -20.80
C GLU B 267 48.18 -13.53 -21.51
N GLN B 268 47.31 -14.25 -20.79
CA GLN B 268 46.02 -14.72 -21.34
C GLN B 268 44.87 -13.72 -21.18
N GLY B 269 45.04 -12.74 -20.30
CA GLY B 269 44.00 -11.73 -20.03
C GLY B 269 44.01 -11.12 -18.65
N VAL B 270 42.93 -10.41 -18.33
CA VAL B 270 42.80 -9.69 -17.06
C VAL B 270 41.54 -10.09 -16.35
N THR B 271 41.65 -10.20 -15.03
CA THR B 271 40.49 -10.53 -14.20
C THR B 271 40.13 -9.32 -13.37
N LEU B 272 38.88 -8.88 -13.53
CA LEU B 272 38.33 -7.75 -12.80
C LEU B 272 37.29 -8.18 -11.78
N SER B 273 37.05 -7.31 -10.82
CA SER B 273 35.91 -7.52 -9.92
C SER B 273 35.14 -6.23 -9.97
N ILE B 274 33.94 -6.28 -10.54
CA ILE B 274 33.06 -5.11 -10.64
C ILE B 274 31.87 -5.24 -9.68
N THR B 275 31.73 -4.24 -8.83
CA THR B 275 30.65 -4.23 -7.87
C THR B 275 29.75 -3.03 -8.06
N ASN B 276 28.46 -3.36 -8.11
CA ASN B 276 27.36 -2.42 -8.17
C ASN B 276 27.11 -2.06 -6.73
N VAL B 277 27.42 -0.81 -6.39
CA VAL B 277 27.31 -0.33 -5.02
C VAL B 277 26.00 0.46 -4.84
N THR B 278 25.11 0.28 -5.79
CA THR B 278 23.81 1.00 -5.78
C THR B 278 22.60 0.11 -5.69
N ASP B 279 21.45 0.76 -5.65
CA ASP B 279 20.13 0.14 -5.61
C ASP B 279 19.62 -0.02 -7.05
N LEU B 280 20.45 0.44 -7.98
CA LEU B 280 20.12 0.44 -9.38
C LEU B 280 20.76 -0.70 -10.13
N VAL B 281 19.93 -1.42 -10.86
CA VAL B 281 20.39 -2.48 -11.70
C VAL B 281 21.03 -1.80 -12.89
N LEU B 282 22.09 -2.41 -13.37
CA LEU B 282 22.89 -1.86 -14.46
C LEU B 282 22.99 -2.89 -15.54
N LYS B 283 22.74 -2.48 -16.77
CA LYS B 283 22.73 -3.41 -17.87
C LYS B 283 23.70 -2.99 -18.92
N LEU B 284 24.67 -3.86 -19.12
CA LEU B 284 25.79 -3.65 -20.03
C LEU B 284 25.66 -4.52 -21.27
N LYS B 285 25.99 -3.90 -22.38
CA LYS B 285 25.95 -4.57 -23.67
C LYS B 285 27.20 -4.22 -24.45
N LYS B 286 27.94 -5.25 -24.85
CA LYS B 286 29.21 -5.09 -25.59
C LYS B 286 28.98 -4.27 -26.84
N THR B 287 29.92 -3.39 -27.14
CA THR B 287 29.87 -2.56 -28.34
C THR B 287 31.11 -2.85 -29.19
N ALA B 288 31.31 -2.04 -30.21
CA ALA B 288 32.45 -2.23 -31.13
C ALA B 288 33.73 -2.30 -30.35
N HIS B 289 34.57 -3.23 -30.74
CA HIS B 289 35.78 -3.49 -29.98
C HIS B 289 36.75 -4.30 -30.79
N ASP B 290 37.94 -4.47 -30.22
CA ASP B 290 38.96 -5.32 -30.83
C ASP B 290 38.51 -6.72 -30.51
N THR B 291 38.35 -7.48 -31.56
CA THR B 291 37.84 -8.84 -31.46
C THR B 291 38.76 -9.76 -30.65
N LEU B 292 40.02 -9.37 -30.57
CA LEU B 292 41.06 -10.14 -29.87
C LEU B 292 40.93 -9.91 -28.38
N LEU B 293 40.05 -9.00 -28.06
CA LEU B 293 39.78 -8.64 -26.69
C LEU B 293 38.45 -9.30 -26.29
N VAL B 294 38.61 -10.46 -25.65
CA VAL B 294 37.46 -11.33 -25.36
C VAL B 294 36.73 -11.07 -24.05
N TYR B 295 35.49 -10.61 -24.17
CA TYR B 295 34.63 -10.42 -23.00
C TYR B 295 33.12 -10.65 -23.26
N PHE B 296 32.35 -10.46 -22.18
CA PHE B 296 30.90 -10.65 -22.22
C PHE B 296 30.22 -9.93 -23.37
N ARG B 297 29.10 -10.51 -23.80
CA ARG B 297 28.24 -9.90 -24.83
C ARG B 297 27.15 -9.06 -24.14
N ASP B 298 26.74 -9.56 -23.00
CA ASP B 298 25.69 -8.92 -22.22
C ASP B 298 25.95 -9.16 -20.77
N MSE B 299 25.52 -8.24 -19.94
CA MSE B 299 25.78 -8.41 -18.54
C MSE B 299 24.91 -7.50 -17.71
O MSE B 299 24.74 -6.33 -18.00
CB MSE B 299 27.24 -8.09 -18.30
CG MSE B 299 27.69 -8.35 -16.92
SE MSE B 299 29.65 -8.21 -16.69
CE MSE B 299 29.47 -8.87 -14.80
N THR B 300 24.32 -8.09 -16.68
CA THR B 300 23.48 -7.35 -15.75
C THR B 300 24.07 -7.34 -14.39
N LEU B 301 24.39 -6.13 -13.94
CA LEU B 301 24.94 -5.93 -12.62
C LEU B 301 23.83 -5.52 -11.68
N LYS B 302 23.37 -6.50 -10.93
CA LYS B 302 22.34 -6.31 -9.94
C LYS B 302 22.82 -5.45 -8.79
N PRO B 303 21.85 -4.87 -8.04
CA PRO B 303 22.20 -4.02 -6.91
C PRO B 303 22.98 -4.76 -5.87
N HIS B 304 23.99 -4.04 -5.39
CA HIS B 304 24.84 -4.44 -4.27
C HIS B 304 25.45 -5.82 -4.46
N THR B 305 25.83 -6.09 -5.68
CA THR B 305 26.42 -7.37 -6.06
C THR B 305 27.76 -7.22 -6.74
N ARG B 306 28.70 -8.05 -6.33
CA ARG B 306 30.06 -8.07 -6.88
C ARG B 306 30.23 -9.16 -7.90
N TYR B 307 30.76 -8.80 -9.04
CA TYR B 307 31.02 -9.76 -10.11
C TYR B 307 32.49 -9.89 -10.46
N THR B 308 32.87 -11.11 -10.81
CA THR B 308 34.21 -11.40 -11.32
C THR B 308 34.13 -11.45 -12.84
N VAL B 309 34.87 -10.59 -13.46
CA VAL B 309 34.83 -10.45 -14.90
C VAL B 309 36.20 -10.67 -15.50
N ARG B 310 36.27 -11.69 -16.35
CA ARG B 310 37.51 -12.01 -17.03
C ARG B 310 37.48 -11.46 -18.43
N ILE B 311 38.56 -10.79 -18.78
CA ILE B 311 38.75 -10.26 -20.11
C ILE B 311 39.95 -10.98 -20.73
N GLY B 312 39.70 -11.73 -21.77
CA GLY B 312 40.76 -12.46 -22.44
C GLY B 312 41.47 -11.68 -23.52
N PHE B 313 42.76 -12.01 -23.66
CA PHE B 313 43.67 -11.46 -24.69
C PHE B 313 44.01 -12.53 -25.69
N LYS B 314 43.42 -12.46 -26.89
CA LYS B 314 43.69 -13.45 -27.95
C LYS B 314 44.89 -13.01 -28.76
N GLN B 315 45.24 -13.82 -29.76
CA GLN B 315 46.48 -13.61 -30.52
C GLN B 315 47.49 -13.04 -29.53
N GLY B 316 48.18 -11.95 -29.85
CA GLY B 316 49.18 -11.44 -28.89
C GLY B 316 48.88 -10.28 -27.94
N ILE B 317 47.69 -9.70 -28.06
CA ILE B 317 47.35 -8.44 -27.35
C ILE B 317 47.65 -8.40 -25.84
N LYS B 318 48.03 -7.21 -25.41
CA LYS B 318 48.44 -6.94 -24.01
C LYS B 318 47.44 -6.08 -23.29
N GLY B 319 46.41 -5.73 -24.01
CA GLY B 319 45.33 -4.90 -23.47
C GLY B 319 44.43 -4.28 -24.51
N GLY B 320 43.66 -3.31 -24.06
CA GLY B 320 42.71 -2.63 -24.91
C GLY B 320 41.52 -2.08 -24.20
N ASP B 321 40.56 -1.67 -25.00
CA ASP B 321 39.33 -1.04 -24.53
C ASP B 321 38.18 -1.99 -24.49
N VAL B 322 37.75 -2.23 -23.26
CA VAL B 322 36.58 -3.06 -22.98
C VAL B 322 35.42 -2.10 -23.08
N ASN B 323 34.80 -2.14 -24.26
CA ASN B 323 33.69 -1.26 -24.66
C ASN B 323 32.31 -1.83 -24.54
N PHE B 324 31.43 -1.00 -24.01
CA PHE B 324 30.05 -1.38 -23.83
C PHE B 324 29.12 -0.20 -23.62
N GLU B 325 27.87 -0.46 -23.97
CA GLU B 325 26.80 0.50 -23.74
C GLU B 325 26.10 0.18 -22.39
N VAL B 326 25.78 1.19 -21.58
CA VAL B 326 24.98 0.95 -20.37
C VAL B 326 23.60 1.25 -20.86
N THR B 327 22.95 0.20 -21.32
CA THR B 327 21.67 0.28 -22.06
C THR B 327 20.56 0.98 -21.33
N ASN B 328 20.60 0.98 -20.00
CA ASN B 328 19.49 1.57 -19.25
C ASN B 328 19.83 2.97 -18.69
N PHE B 329 20.98 3.49 -19.11
CA PHE B 329 21.39 4.87 -18.80
C PHE B 329 21.21 5.64 -20.08
N ILE B 330 19.99 6.16 -20.23
CA ILE B 330 19.56 6.82 -21.47
C ILE B 330 20.04 8.25 -21.60
N VAL B 331 20.89 8.47 -22.62
CA VAL B 331 21.52 9.76 -22.85
C VAL B 331 20.87 10.51 -24.02
N ALA B 332 20.10 9.75 -24.78
CA ALA B 332 19.31 10.21 -25.91
C ALA B 332 18.24 9.15 -26.21
N PRO B 333 17.14 9.54 -26.86
CA PRO B 333 16.22 8.49 -27.21
C PRO B 333 16.92 7.31 -27.84
N ASP B 334 16.60 6.12 -27.35
CA ASP B 334 17.13 4.91 -27.97
C ASP B 334 18.63 4.82 -27.97
N LYS B 335 19.25 5.63 -27.15
CA LYS B 335 20.72 5.62 -27.07
C LYS B 335 21.17 5.58 -25.63
N GLY B 336 21.85 4.50 -25.27
CA GLY B 336 22.43 4.30 -23.93
C GLY B 336 23.86 4.80 -23.81
N LEU B 337 24.28 5.04 -22.58
CA LEU B 337 25.62 5.52 -22.27
C LEU B 337 26.70 4.60 -22.76
N LYS B 338 27.72 5.18 -23.39
CA LYS B 338 28.88 4.44 -23.86
C LYS B 338 30.02 4.57 -22.85
N TYR B 339 30.61 3.45 -22.54
CA TYR B 339 31.66 3.42 -21.54
C TYR B 339 32.74 2.48 -21.93
N THR B 340 33.93 2.80 -21.46
CA THR B 340 35.10 1.99 -21.71
C THR B 340 35.86 1.74 -20.45
N ILE B 341 36.30 0.49 -20.32
CA ILE B 341 37.18 0.12 -19.25
C ILE B 341 38.50 -0.16 -19.93
N SER B 342 39.44 0.77 -19.81
CA SER B 342 40.76 0.64 -20.42
C SER B 342 41.64 -0.28 -19.60
N LEU B 343 42.23 -1.25 -20.27
CA LEU B 343 43.12 -2.23 -19.67
C LEU B 343 44.51 -2.18 -20.32
ZN ZN C . -12.85 3.93 18.14
ZN ZN D . -12.81 3.64 14.55
ZN ZN E . -10.59 7.16 14.46
AS CAC F . -10.47 5.31 16.57
O1 CAC F . -11.56 4.86 15.28
O2 CAC F . -11.25 5.25 18.13
C1 CAC F . -9.09 3.88 16.60
C2 CAC F . -9.79 7.13 16.43
C1 GOL G . -22.94 18.61 11.45
O1 GOL G . -24.09 19.24 11.95
C2 GOL G . -23.08 18.34 9.94
O2 GOL G . -22.93 16.97 9.73
C3 GOL G . -21.99 19.04 9.14
O3 GOL G . -22.28 19.21 7.74
ZN ZN H . -1.83 16.49 -15.82
ZN ZN I . -1.10 15.78 -12.42
ZN ZN J . -5.10 14.67 -11.74
AS CAC K . -3.64 14.38 -14.20
O1 CAC K . -2.91 15.12 -12.76
O2 CAC K . -3.39 15.43 -15.57
C1 CAC K . -2.63 12.73 -14.65
C2 CAC K . -5.57 14.09 -14.06
C1 GOL L . 14.41 12.51 6.09
O1 GOL L . 14.31 13.01 4.77
C2 GOL L . 15.81 12.78 6.62
O2 GOL L . 16.29 11.64 7.29
C3 GOL L . 15.75 13.97 7.57
O3 GOL L . 16.68 14.94 7.17
C1 GOL M . 1.21 29.83 1.78
O1 GOL M . 0.37 28.87 1.18
C2 GOL M . 0.64 31.26 1.65
O2 GOL M . -0.47 31.42 2.51
C3 GOL M . 0.32 31.54 0.20
O3 GOL M . -0.03 32.89 -0.02
#